data_4FLZ
#
_entry.id   4FLZ
#
_cell.length_a   69.050
_cell.length_b   115.150
_cell.length_c   128.520
_cell.angle_alpha   90.00
_cell.angle_beta   90.00
_cell.angle_gamma   90.00
#
_symmetry.space_group_name_H-M   'P 21 21 21'
#
loop_
_entity.id
_entity.type
_entity.pdbx_description
1 polymer 'DNA polymerase 1'
2 polymer 'Primer strand'
3 polymer 'Template strand'
4 non-polymer 'MAGNESIUM ION'
5 non-polymer GLYCEROL
6 water water
#
loop_
_entity_poly.entity_id
_entity_poly.type
_entity_poly.pdbx_seq_one_letter_code
_entity_poly.pdbx_strand_id
1 'polypeptide(L)'
;MGSSHHHHHHSSGLVPAGSHAGMIIDADYITEDGKPIIRIFKKEKGEFKVEYDRTFRPYIYALLKDDSAIDEVKKITAER
HGKIVRITEVEKVQKKFLGRPIEVWKLYLEHPQDVPAIREKIREHPAVVDIFEYDIPFAKRYLIDKGLTPMEGNEELTFL
AVDIETLYHEGEEFGKGPIIMISYADEEGAKVITWKSIDLPYVEVVSSEREMIKRLVKVIREKDPDVIITYNGDNFAFPY
LLKRAEKLGIKLPLGRDNSEPKMQRMGDSLAVEIKGRIHFDLFPVIRRTINLPTYTLEAVYEAIFGKSKEKVYAHEIAEA
WETGKGLERVAKYSMEDAKVTFELGKEFFPMEAQLARLVGQPVWDVSRSSTGNLVEWFLLRKAYERNELAPNKPDEREYE
RRLRESYEGGYVKEPEKGLWEGIVSLDFRSLYPSIIITHNVSPDTLNRENCKEYDVAPQVGHRFCKDFPGFIPSLLGNLL
EERQKIKKRMKESKDPVEKKLLDYRQRAIKILANSYYGYYGYAKARWYCKECAESVTAWGRQYIDLVRRELESRGFKVLY
IDTDGLYATIPGAKHEEIKEKALKFVEYINSKLPGLLELEYEGFYARGFFVTKKKYALIDEEGKIVTRGLEIVRRDWSEI
AKETQAKVLEAILKHGNVDEAVKIVKEVTEKLSKYEIPPEKLVIYEQITRPLSEYKAIGPHVAVAKRLAAKGVKVKPGMV
IGYIVLRGDGPISKRAIAIEEFDPKKHKYDAEYYIENQVLPAVERILRAFGYRKEDLKYQKTKQVGLGAWLKF
;
A
2 'polydeoxyribonucleotide' (DC)(DG)(DA)(DT)(DC)(DA)(DC)(DG) P
3 'polydeoxyribonucleotide' (DA)(DA)(DG)(DI)(DG)(DT)(DA)(DC)(DG)(DT)(DG)(DA)(DT)(DC)(DG) T
#
# COMPACT_ATOMS: atom_id res chain seq x y z
N ALA A 21 25.09 18.14 6.69
CA ALA A 21 26.28 17.63 7.34
C ALA A 21 26.09 16.19 7.86
N GLY A 22 24.86 15.84 8.27
CA GLY A 22 24.49 14.51 8.76
C GLY A 22 23.53 13.81 7.82
N MET A 23 22.57 13.03 8.36
CA MET A 23 21.55 12.31 7.59
C MET A 23 20.13 12.81 7.99
N ILE A 24 19.35 13.32 7.01
CA ILE A 24 17.99 13.82 7.27
C ILE A 24 17.07 12.60 7.41
N ILE A 25 16.28 12.54 8.51
CA ILE A 25 15.37 11.42 8.76
C ILE A 25 13.90 11.83 8.60
N ASP A 26 13.60 13.12 8.76
CA ASP A 26 12.25 13.70 8.60
C ASP A 26 12.34 15.24 8.60
N ALA A 27 11.23 15.88 8.25
CA ALA A 27 11.05 17.32 8.24
C ALA A 27 9.61 17.66 8.53
N ASP A 28 9.37 18.74 9.27
CA ASP A 28 8.02 19.22 9.53
C ASP A 28 8.09 20.70 9.77
N TYR A 29 6.97 21.32 10.12
CA TYR A 29 6.96 22.72 10.48
C TYR A 29 6.11 22.95 11.73
N ILE A 30 6.51 23.97 12.47
CA ILE A 30 5.97 24.50 13.69
C ILE A 30 5.59 25.97 13.43
N THR A 31 4.63 26.52 14.20
CA THR A 31 4.23 27.91 14.06
C THR A 31 4.69 28.61 15.32
N GLU A 32 5.26 29.84 15.19
CA GLU A 32 5.79 30.66 16.29
C GLU A 32 5.44 32.08 15.97
N ASP A 33 4.68 32.74 16.85
CA ASP A 33 4.18 34.13 16.69
C ASP A 33 3.37 34.26 15.37
N GLY A 34 2.68 33.18 15.01
CA GLY A 34 1.88 33.12 13.79
C GLY A 34 2.66 32.81 12.54
N LYS A 35 4.00 32.70 12.64
CA LYS A 35 4.89 32.45 11.50
C LYS A 35 5.46 31.01 11.43
N PRO A 36 5.58 30.41 10.21
CA PRO A 36 6.08 29.02 10.12
C PRO A 36 7.60 28.88 10.26
N ILE A 37 8.02 27.80 10.93
CA ILE A 37 9.43 27.45 11.16
C ILE A 37 9.60 26.02 10.77
N ILE A 38 10.46 25.76 9.78
CA ILE A 38 10.72 24.42 9.30
C ILE A 38 11.67 23.72 10.27
N ARG A 39 11.37 22.46 10.64
CA ARG A 39 12.21 21.65 11.51
C ARG A 39 12.82 20.49 10.67
N ILE A 40 14.14 20.35 10.67
CA ILE A 40 14.80 19.28 9.95
C ILE A 40 15.40 18.38 11.00
N PHE A 41 14.91 17.13 11.08
CA PHE A 41 15.41 16.14 12.05
C PHE A 41 16.58 15.37 11.44
N LYS A 42 17.74 15.43 12.12
CA LYS A 42 18.97 14.81 11.62
C LYS A 42 19.64 13.88 12.59
N LYS A 43 20.43 12.96 12.03
CA LYS A 43 21.26 12.02 12.76
C LYS A 43 22.70 12.32 12.29
N GLU A 44 23.52 12.82 13.21
CA GLU A 44 24.87 13.32 12.94
C GLU A 44 25.87 12.64 13.86
N LYS A 45 26.66 11.72 13.31
CA LYS A 45 27.68 10.94 14.01
C LYS A 45 27.11 10.38 15.34
N GLY A 46 26.01 9.65 15.19
CA GLY A 46 25.28 9.00 16.28
C GLY A 46 24.38 9.89 17.10
N GLU A 47 24.35 11.20 16.84
CA GLU A 47 23.57 12.13 17.66
C GLU A 47 22.39 12.75 16.94
N PHE A 48 21.29 12.91 17.70
CA PHE A 48 20.06 13.56 17.24
C PHE A 48 20.29 15.06 17.22
N LYS A 49 20.04 15.70 16.08
CA LYS A 49 20.18 17.15 15.91
C LYS A 49 18.92 17.69 15.23
N VAL A 50 18.40 18.83 15.69
CA VAL A 50 17.23 19.47 15.08
C VAL A 50 17.63 20.87 14.56
N GLU A 51 17.58 21.04 13.24
CA GLU A 51 17.90 22.32 12.61
C GLU A 51 16.60 23.09 12.36
N TYR A 52 16.63 24.43 12.52
CA TYR A 52 15.45 25.28 12.31
C TYR A 52 15.68 26.26 11.14
N ASP A 53 14.62 26.47 10.32
CA ASP A 53 14.65 27.46 9.23
C ASP A 53 13.37 28.28 9.26
N ARG A 54 13.53 29.60 9.46
CA ARG A 54 12.43 30.57 9.58
C ARG A 54 12.19 31.36 8.29
N THR A 55 13.15 31.28 7.34
CA THR A 55 13.23 32.07 6.12
C THR A 55 12.51 31.50 4.91
N PHE A 56 12.10 30.24 4.93
CA PHE A 56 11.41 29.71 3.75
C PHE A 56 9.95 30.16 3.73
N ARG A 57 9.53 30.72 2.60
CA ARG A 57 8.17 31.22 2.41
C ARG A 57 7.28 30.33 1.49
N PRO A 58 5.99 30.13 1.91
CA PRO A 58 5.04 29.40 1.05
C PRO A 58 4.69 30.21 -0.19
N TYR A 59 4.27 29.54 -1.27
CA TYR A 59 3.91 30.20 -2.53
C TYR A 59 3.11 29.31 -3.43
N ILE A 60 2.54 29.93 -4.47
CA ILE A 60 1.82 29.28 -5.57
C ILE A 60 2.18 30.06 -6.81
N TYR A 61 1.80 29.58 -7.99
CA TYR A 61 2.00 30.30 -9.24
C TYR A 61 0.66 30.64 -9.86
N ALA A 62 0.58 31.78 -10.54
CA ALA A 62 -0.62 32.16 -11.26
C ALA A 62 -0.26 32.60 -12.67
N LEU A 63 -0.92 32.01 -13.68
CA LEU A 63 -0.75 32.34 -15.09
C LEU A 63 -1.80 33.36 -15.40
N LEU A 64 -1.39 34.57 -15.78
CA LEU A 64 -2.33 35.67 -16.04
C LEU A 64 -2.56 35.88 -17.54
N LYS A 65 -3.72 36.45 -17.91
CA LYS A 65 -4.03 36.72 -19.31
C LYS A 65 -3.11 37.85 -19.85
N ASP A 66 -2.73 38.81 -18.98
CA ASP A 66 -1.86 39.96 -19.27
C ASP A 66 -1.09 40.40 -18.00
N ASP A 67 0.16 40.91 -18.16
CA ASP A 67 1.00 41.39 -17.04
C ASP A 67 0.30 42.48 -16.21
N SER A 68 -0.51 43.35 -16.85
CA SER A 68 -1.26 44.44 -16.22
C SER A 68 -2.14 43.94 -15.07
N ALA A 69 -2.69 42.71 -15.20
CA ALA A 69 -3.58 42.07 -14.22
C ALA A 69 -2.98 41.89 -12.83
N ILE A 70 -1.63 41.80 -12.71
CA ILE A 70 -0.93 41.58 -11.43
C ILE A 70 -1.32 42.61 -10.38
N ASP A 71 -1.60 43.85 -10.80
CA ASP A 71 -1.97 44.95 -9.90
C ASP A 71 -3.28 44.65 -9.16
N GLU A 72 -4.26 44.01 -9.85
CA GLU A 72 -5.56 43.58 -9.32
C GLU A 72 -5.41 42.27 -8.51
N VAL A 73 -4.65 41.32 -9.08
CA VAL A 73 -4.41 39.99 -8.52
C VAL A 73 -3.63 40.05 -7.17
N LYS A 74 -2.57 40.89 -7.04
CA LYS A 74 -1.76 40.98 -5.81
C LYS A 74 -2.57 41.49 -4.60
N LYS A 75 -3.70 42.16 -4.90
CA LYS A 75 -4.61 42.76 -3.92
C LYS A 75 -5.70 41.78 -3.43
N ILE A 76 -5.67 40.50 -3.88
CA ILE A 76 -6.65 39.46 -3.46
C ILE A 76 -6.41 39.13 -1.97
N THR A 77 -7.51 38.94 -1.23
CA THR A 77 -7.51 38.73 0.21
C THR A 77 -8.35 37.50 0.58
N ALA A 78 -8.07 36.89 1.76
CA ALA A 78 -8.78 35.75 2.31
C ALA A 78 -8.91 35.91 3.80
N GLU A 79 -9.54 34.95 4.50
CA GLU A 79 -9.67 34.95 5.95
C GLU A 79 -9.29 33.58 6.50
N ARG A 80 -8.52 33.56 7.58
CA ARG A 80 -8.08 32.37 8.28
C ARG A 80 -7.80 32.72 9.73
N HIS A 81 -8.30 31.88 10.67
CA HIS A 81 -8.05 32.03 12.11
C HIS A 81 -8.59 33.42 12.59
N GLY A 82 -9.75 33.82 12.07
CA GLY A 82 -10.38 35.11 12.36
C GLY A 82 -9.80 36.30 11.61
N LYS A 83 -8.47 36.26 11.31
CA LYS A 83 -7.67 37.32 10.66
C LYS A 83 -7.58 37.19 9.13
N ILE A 84 -7.37 38.32 8.43
CA ILE A 84 -7.33 38.30 6.96
C ILE A 84 -5.95 37.84 6.45
N VAL A 85 -5.93 37.20 5.28
CA VAL A 85 -4.71 36.68 4.68
C VAL A 85 -4.41 37.46 3.39
N ARG A 86 -3.13 37.81 3.17
CA ARG A 86 -2.70 38.55 1.99
C ARG A 86 -1.59 37.87 1.21
N ILE A 87 -1.43 38.27 -0.08
CA ILE A 87 -0.29 37.88 -0.91
C ILE A 87 0.83 38.81 -0.39
N THR A 88 1.90 38.20 0.13
CA THR A 88 3.02 38.87 0.79
C THR A 88 3.90 39.65 -0.23
N GLU A 89 4.28 38.98 -1.30
CA GLU A 89 5.12 39.51 -2.38
C GLU A 89 4.74 38.77 -3.67
N VAL A 90 4.97 39.41 -4.83
CA VAL A 90 4.72 38.81 -6.16
C VAL A 90 6.02 38.89 -6.97
N GLU A 91 6.30 37.86 -7.77
CA GLU A 91 7.53 37.78 -8.56
C GLU A 91 7.24 37.17 -9.93
N LYS A 92 7.60 37.89 -11.01
CA LYS A 92 7.40 37.35 -12.37
C LYS A 92 8.54 36.36 -12.64
N VAL A 93 8.21 35.13 -13.06
CA VAL A 93 9.23 34.10 -13.31
C VAL A 93 9.01 33.43 -14.66
N GLN A 94 10.12 32.99 -15.27
CA GLN A 94 10.10 32.31 -16.55
C GLN A 94 10.37 30.81 -16.31
N LYS A 95 9.44 29.94 -16.77
CA LYS A 95 9.56 28.51 -16.57
C LYS A 95 9.20 27.76 -17.86
N LYS A 96 9.18 26.43 -17.80
CA LYS A 96 8.82 25.51 -18.88
C LYS A 96 7.51 24.82 -18.52
N PHE A 97 6.54 24.80 -19.46
CA PHE A 97 5.26 24.13 -19.27
C PHE A 97 4.86 23.50 -20.57
N LEU A 98 4.58 22.18 -20.52
CA LEU A 98 4.18 21.44 -21.74
C LEU A 98 5.29 21.57 -22.76
N GLY A 99 6.54 21.48 -22.33
CA GLY A 99 7.69 21.64 -23.22
C GLY A 99 7.76 22.97 -23.97
N ARG A 100 7.26 24.06 -23.32
CA ARG A 100 7.23 25.40 -23.88
C ARG A 100 7.55 26.47 -22.81
N PRO A 101 8.27 27.57 -23.17
CA PRO A 101 8.54 28.62 -22.19
C PRO A 101 7.23 29.25 -21.73
N ILE A 102 7.15 29.59 -20.47
CA ILE A 102 5.94 30.18 -19.92
C ILE A 102 6.31 31.25 -18.88
N GLU A 103 5.54 32.34 -18.86
CA GLU A 103 5.73 33.38 -17.89
C GLU A 103 4.57 33.31 -16.90
N VAL A 104 4.90 33.07 -15.60
CA VAL A 104 3.92 32.97 -14.52
C VAL A 104 4.35 33.86 -13.37
N TRP A 105 3.45 34.12 -12.43
CA TRP A 105 3.75 34.94 -11.27
C TRP A 105 3.78 34.07 -10.03
N LYS A 106 4.91 34.14 -9.28
CA LYS A 106 5.07 33.44 -7.99
C LYS A 106 4.41 34.34 -6.94
N LEU A 107 3.37 33.82 -6.29
CA LEU A 107 2.62 34.56 -5.28
C LEU A 107 3.03 34.05 -3.90
N TYR A 108 3.74 34.86 -3.11
CA TYR A 108 4.23 34.46 -1.78
C TYR A 108 3.17 34.68 -0.70
N LEU A 109 3.12 33.76 0.30
CA LEU A 109 2.17 33.88 1.41
C LEU A 109 2.91 33.81 2.72
N GLU A 110 2.28 34.28 3.84
CA GLU A 110 2.95 34.30 5.13
C GLU A 110 3.06 32.90 5.73
N HIS A 111 1.95 32.14 5.74
CA HIS A 111 1.84 30.82 6.36
C HIS A 111 1.32 29.78 5.39
N PRO A 112 1.79 28.52 5.44
CA PRO A 112 1.28 27.51 4.49
C PRO A 112 -0.24 27.29 4.58
N GLN A 113 -0.84 27.48 5.77
CA GLN A 113 -2.29 27.33 5.93
C GLN A 113 -3.06 28.47 5.21
N ASP A 114 -2.35 29.53 4.76
CA ASP A 114 -2.92 30.61 3.97
C ASP A 114 -3.29 30.13 2.53
N VAL A 115 -2.47 29.20 1.97
CA VAL A 115 -2.63 28.64 0.63
C VAL A 115 -4.06 28.11 0.42
N PRO A 116 -4.59 27.14 1.24
CA PRO A 116 -5.96 26.65 0.97
C PRO A 116 -7.05 27.70 1.21
N ALA A 117 -6.73 28.76 1.98
CA ALA A 117 -7.66 29.84 2.25
C ALA A 117 -7.78 30.78 1.04
N ILE A 118 -6.66 31.07 0.37
CA ILE A 118 -6.64 32.03 -0.72
C ILE A 118 -6.59 31.44 -2.17
N ARG A 119 -6.11 30.20 -2.38
CA ARG A 119 -5.94 29.64 -3.75
C ARG A 119 -7.21 29.74 -4.65
N GLU A 120 -8.39 29.43 -4.13
CA GLU A 120 -9.61 29.49 -4.92
C GLU A 120 -10.02 30.93 -5.21
N LYS A 121 -9.68 31.88 -4.30
CA LYS A 121 -9.96 33.31 -4.54
C LYS A 121 -9.10 33.75 -5.73
N ILE A 122 -7.84 33.28 -5.79
CA ILE A 122 -6.96 33.61 -6.92
C ILE A 122 -7.47 32.93 -8.20
N ARG A 123 -7.79 31.62 -8.13
CA ARG A 123 -8.28 30.88 -9.30
C ARG A 123 -9.57 31.51 -9.90
N GLU A 124 -10.52 31.97 -9.04
CA GLU A 124 -11.81 32.58 -9.41
C GLU A 124 -11.65 33.83 -10.24
N HIS A 125 -10.55 34.61 -10.04
CA HIS A 125 -10.30 35.89 -10.70
C HIS A 125 -10.38 35.84 -12.23
N PRO A 126 -11.11 36.82 -12.85
CA PRO A 126 -11.27 36.83 -14.32
C PRO A 126 -10.00 36.90 -15.14
N ALA A 127 -8.90 37.41 -14.55
CA ALA A 127 -7.63 37.57 -15.27
C ALA A 127 -6.64 36.42 -15.07
N VAL A 128 -7.01 35.45 -14.23
CA VAL A 128 -6.17 34.31 -13.91
C VAL A 128 -6.60 33.17 -14.81
N VAL A 129 -5.67 32.69 -15.64
CA VAL A 129 -5.89 31.61 -16.60
C VAL A 129 -5.92 30.32 -15.83
N ASP A 130 -4.94 30.15 -14.92
CA ASP A 130 -4.82 28.97 -14.08
C ASP A 130 -3.83 29.24 -12.97
N ILE A 131 -3.92 28.44 -11.88
CA ILE A 131 -2.98 28.46 -10.75
C ILE A 131 -2.22 27.12 -10.74
N PHE A 132 -1.00 27.10 -10.16
CA PHE A 132 -0.19 25.88 -10.12
C PHE A 132 0.53 25.67 -8.78
N GLU A 133 0.93 24.42 -8.48
CA GLU A 133 1.73 24.03 -7.30
C GLU A 133 1.15 24.63 -6.03
N TYR A 134 -0.16 24.36 -5.81
CA TYR A 134 -0.95 24.90 -4.70
C TYR A 134 -1.39 23.84 -3.65
N ASP A 135 -1.00 22.57 -3.84
CA ASP A 135 -1.37 21.49 -2.93
C ASP A 135 -0.14 20.67 -2.53
N ILE A 136 1.04 21.31 -2.43
CA ILE A 136 2.28 20.63 -2.02
C ILE A 136 2.49 20.90 -0.53
N PRO A 137 2.44 19.90 0.39
CA PRO A 137 2.66 20.18 1.82
C PRO A 137 3.98 20.95 2.04
N PHE A 138 3.94 21.93 2.95
CA PHE A 138 5.05 22.86 3.20
C PHE A 138 6.40 22.19 3.51
N ALA A 139 6.43 21.14 4.34
CA ALA A 139 7.68 20.48 4.67
C ALA A 139 8.32 19.75 3.45
N LYS A 140 7.48 19.28 2.50
CA LYS A 140 7.90 18.57 1.28
C LYS A 140 8.35 19.61 0.25
N ARG A 141 7.67 20.81 0.24
CA ARG A 141 8.02 21.96 -0.59
C ARG A 141 9.43 22.38 -0.23
N TYR A 142 9.71 22.45 1.07
CA TYR A 142 11.01 22.82 1.64
C TYR A 142 12.12 21.86 1.15
N LEU A 143 11.95 20.54 1.37
CA LEU A 143 12.91 19.51 0.99
C LEU A 143 13.26 19.56 -0.50
N ILE A 144 12.25 19.78 -1.36
CA ILE A 144 12.42 19.88 -2.82
C ILE A 144 13.19 21.16 -3.16
N ASP A 145 12.65 22.31 -2.74
CA ASP A 145 13.21 23.62 -3.07
C ASP A 145 14.62 23.85 -2.53
N LYS A 146 14.94 23.28 -1.36
CA LYS A 146 16.26 23.46 -0.76
C LYS A 146 17.25 22.39 -1.25
N GLY A 147 16.78 21.47 -2.10
CA GLY A 147 17.55 20.39 -2.67
C GLY A 147 18.08 19.45 -1.61
N LEU A 148 17.21 19.13 -0.65
CA LEU A 148 17.56 18.28 0.48
C LEU A 148 16.99 16.87 0.29
N THR A 149 17.85 15.84 0.46
CA THR A 149 17.53 14.43 0.30
C THR A 149 17.65 13.65 1.63
N PRO A 150 16.54 13.03 2.13
CA PRO A 150 16.64 12.22 3.34
C PRO A 150 17.41 10.93 3.12
N MET A 151 17.88 10.33 4.20
CA MET A 151 18.53 9.01 4.25
C MET A 151 19.85 8.90 3.41
N GLU A 152 20.62 9.99 3.31
CA GLU A 152 21.91 9.99 2.62
C GLU A 152 23.07 9.75 3.60
N GLY A 153 24.02 8.95 3.19
CA GLY A 153 25.17 8.65 4.04
C GLY A 153 25.17 7.28 4.67
N ASN A 154 26.17 7.05 5.51
CA ASN A 154 26.44 5.78 6.18
C ASN A 154 25.90 5.77 7.62
N GLU A 155 25.30 6.91 8.08
CA GLU A 155 24.76 7.07 9.44
C GLU A 155 23.97 5.83 9.84
N GLU A 156 24.30 5.24 11.00
CA GLU A 156 23.69 4.03 11.54
C GLU A 156 22.54 4.39 12.50
N LEU A 157 21.32 3.99 12.13
CA LEU A 157 20.12 4.23 12.93
C LEU A 157 19.89 3.11 13.94
N THR A 158 19.18 3.42 15.04
CA THR A 158 18.80 2.45 16.08
C THR A 158 17.33 2.12 15.91
N PHE A 159 16.94 0.87 16.28
CA PHE A 159 15.56 0.39 16.09
C PHE A 159 14.99 -0.28 17.35
N LEU A 160 13.67 -0.19 17.51
CA LEU A 160 12.91 -0.84 18.58
C LEU A 160 11.56 -1.31 18.07
N ALA A 161 11.24 -2.61 18.23
CA ALA A 161 9.90 -3.12 17.85
C ALA A 161 9.01 -3.05 19.05
N VAL A 162 7.75 -2.64 18.86
CA VAL A 162 6.76 -2.49 19.93
C VAL A 162 5.43 -3.18 19.53
N ASP A 163 4.81 -3.91 20.49
CA ASP A 163 3.53 -4.57 20.29
C ASP A 163 2.79 -4.57 21.60
N ILE A 164 1.46 -4.79 21.55
CA ILE A 164 0.57 -4.83 22.71
C ILE A 164 -0.45 -5.94 22.54
N GLU A 165 -0.97 -6.46 23.67
CA GLU A 165 -2.06 -7.45 23.70
C GLU A 165 -3.13 -6.85 24.59
N THR A 166 -4.39 -6.92 24.16
CA THR A 166 -5.52 -6.35 24.89
C THR A 166 -6.49 -7.43 25.30
N LEU A 167 -7.32 -7.14 26.32
CA LEU A 167 -8.41 -8.01 26.76
C LEU A 167 -9.62 -7.67 25.90
N TYR A 168 -10.06 -8.61 25.04
CA TYR A 168 -11.19 -8.35 24.15
C TYR A 168 -12.29 -9.37 24.30
N HIS A 169 -13.55 -8.89 24.23
CA HIS A 169 -14.78 -9.69 24.28
C HIS A 169 -15.62 -9.27 23.09
N GLU A 170 -16.40 -10.18 22.51
CA GLU A 170 -17.19 -9.96 21.31
C GLU A 170 -18.00 -8.64 21.23
N GLY A 171 -17.66 -7.87 20.18
CA GLY A 171 -18.30 -6.61 19.77
C GLY A 171 -18.21 -5.41 20.70
N GLU A 172 -17.15 -5.36 21.51
CA GLU A 172 -16.86 -4.28 22.46
C GLU A 172 -16.44 -2.99 21.74
N GLU A 173 -16.67 -1.82 22.40
CA GLU A 173 -16.27 -0.48 21.88
C GLU A 173 -14.76 -0.39 21.90
N PHE A 174 -14.14 0.14 20.83
CA PHE A 174 -12.67 0.20 20.77
C PHE A 174 -12.13 0.84 22.06
N GLY A 175 -11.26 0.12 22.76
CA GLY A 175 -10.64 0.60 24.00
C GLY A 175 -11.36 0.33 25.30
N LYS A 176 -12.51 -0.41 25.31
CA LYS A 176 -13.21 -0.76 26.55
C LYS A 176 -12.34 -1.69 27.41
N GLY A 177 -11.78 -2.74 26.76
CA GLY A 177 -10.90 -3.71 27.40
C GLY A 177 -9.53 -3.14 27.68
N PRO A 178 -8.88 -3.47 28.83
CA PRO A 178 -7.55 -2.91 29.11
C PRO A 178 -6.45 -3.53 28.28
N ILE A 179 -5.28 -2.86 28.20
CA ILE A 179 -4.08 -3.43 27.59
C ILE A 179 -3.55 -4.37 28.69
N ILE A 180 -3.21 -5.61 28.36
CA ILE A 180 -2.78 -6.56 29.39
C ILE A 180 -1.30 -6.90 29.28
N MET A 181 -0.73 -6.72 28.11
CA MET A 181 0.70 -6.91 27.87
C MET A 181 1.19 -5.90 26.87
N ILE A 182 2.43 -5.46 27.05
CA ILE A 182 3.17 -4.61 26.12
C ILE A 182 4.48 -5.36 25.90
N SER A 183 4.86 -5.58 24.65
CA SER A 183 6.10 -6.24 24.32
C SER A 183 6.93 -5.32 23.43
N TYR A 184 8.25 -5.52 23.51
CA TYR A 184 9.22 -4.76 22.76
C TYR A 184 10.40 -5.65 22.52
N ALA A 185 11.14 -5.37 21.45
CA ALA A 185 12.30 -6.16 21.09
C ALA A 185 13.31 -5.29 20.38
N ASP A 186 14.55 -5.68 20.56
CA ASP A 186 15.78 -5.05 20.16
C ASP A 186 16.78 -6.10 19.87
N GLU A 187 18.04 -5.66 19.62
CA GLU A 187 19.17 -6.56 19.46
C GLU A 187 19.52 -7.16 20.83
N GLU A 188 19.07 -6.49 21.92
CA GLU A 188 19.28 -6.89 23.31
C GLU A 188 18.29 -7.98 23.74
N GLY A 189 17.30 -8.27 22.91
CA GLY A 189 16.30 -9.30 23.16
C GLY A 189 14.86 -8.81 23.18
N ALA A 190 13.90 -9.76 23.29
CA ALA A 190 12.48 -9.48 23.32
C ALA A 190 11.96 -9.53 24.77
N LYS A 191 11.19 -8.51 25.18
CA LYS A 191 10.69 -8.36 26.55
C LYS A 191 9.17 -8.16 26.58
N VAL A 192 8.54 -8.48 27.73
CA VAL A 192 7.09 -8.32 27.96
C VAL A 192 6.88 -7.57 29.29
N ILE A 193 5.96 -6.60 29.30
CA ILE A 193 5.55 -5.87 30.49
C ILE A 193 4.09 -6.24 30.69
N THR A 194 3.75 -6.79 31.88
CA THR A 194 2.38 -7.20 32.19
C THR A 194 2.07 -6.83 33.64
N TRP A 195 0.77 -6.83 34.02
CA TRP A 195 0.36 -6.44 35.38
C TRP A 195 -0.35 -7.56 36.17
N LYS A 196 -0.01 -8.81 35.82
CA LYS A 196 -0.37 -10.07 36.49
C LYS A 196 0.90 -10.93 36.58
N SER A 197 1.03 -11.73 37.67
CA SER A 197 2.21 -12.57 37.90
C SER A 197 2.36 -13.73 36.87
N ILE A 198 3.46 -13.68 36.10
CA ILE A 198 3.89 -14.67 35.11
C ILE A 198 5.38 -14.90 35.34
N ASP A 199 5.79 -16.15 35.65
CA ASP A 199 7.21 -16.40 35.95
C ASP A 199 8.00 -16.87 34.71
N LEU A 200 8.47 -15.89 33.92
CA LEU A 200 9.30 -16.11 32.73
C LEU A 200 10.47 -15.13 32.75
N PRO A 201 11.66 -15.52 32.22
CA PRO A 201 12.83 -14.62 32.29
C PRO A 201 12.65 -13.29 31.57
N TYR A 202 11.84 -13.25 30.50
CA TYR A 202 11.65 -12.04 29.70
C TYR A 202 10.40 -11.23 30.12
N VAL A 203 9.69 -11.64 31.18
CA VAL A 203 8.49 -10.94 31.65
C VAL A 203 8.81 -10.02 32.83
N GLU A 204 8.43 -8.73 32.71
CA GLU A 204 8.54 -7.71 33.76
C GLU A 204 7.15 -7.55 34.33
N VAL A 205 6.98 -7.84 35.63
CA VAL A 205 5.65 -7.75 36.24
C VAL A 205 5.48 -6.40 36.97
N VAL A 206 4.47 -5.61 36.55
CA VAL A 206 4.18 -4.33 37.18
C VAL A 206 2.82 -4.42 37.87
N SER A 207 2.39 -3.35 38.56
CA SER A 207 1.21 -3.39 39.40
C SER A 207 -0.14 -3.08 38.72
N SER A 208 -0.14 -2.35 37.59
CA SER A 208 -1.38 -1.94 36.93
C SER A 208 -1.17 -1.68 35.45
N GLU A 209 -2.28 -1.49 34.72
CA GLU A 209 -2.27 -1.13 33.31
C GLU A 209 -1.56 0.23 33.17
N ARG A 210 -1.83 1.14 34.12
CA ARG A 210 -1.25 2.46 34.17
C ARG A 210 0.27 2.38 34.30
N GLU A 211 0.79 1.55 35.22
CA GLU A 211 2.23 1.41 35.40
C GLU A 211 2.92 0.68 34.22
N MET A 212 2.22 -0.25 33.53
CA MET A 212 2.74 -0.96 32.36
C MET A 212 2.95 0.02 31.19
N ILE A 213 1.98 0.94 30.97
CA ILE A 213 2.02 1.96 29.91
C ILE A 213 3.18 2.94 30.19
N LYS A 214 3.34 3.37 31.47
CA LYS A 214 4.40 4.27 31.92
C LYS A 214 5.79 3.62 31.73
N ARG A 215 5.90 2.26 31.90
CA ARG A 215 7.12 1.47 31.69
C ARG A 215 7.50 1.48 30.21
N LEU A 216 6.52 1.35 29.29
CA LEU A 216 6.78 1.41 27.85
C LEU A 216 7.34 2.77 27.50
N VAL A 217 6.72 3.86 28.03
CA VAL A 217 7.18 5.25 27.84
C VAL A 217 8.65 5.36 28.29
N LYS A 218 8.98 4.79 29.46
CA LYS A 218 10.34 4.84 30.03
C LYS A 218 11.35 4.06 29.16
N VAL A 219 10.95 2.90 28.61
CA VAL A 219 11.79 2.06 27.74
C VAL A 219 12.12 2.84 26.43
N ILE A 220 11.11 3.48 25.84
CA ILE A 220 11.26 4.25 24.61
C ILE A 220 12.18 5.48 24.86
N ARG A 221 11.95 6.24 25.97
CA ARG A 221 12.75 7.42 26.28
C ARG A 221 14.21 7.06 26.57
N GLU A 222 14.44 5.93 27.24
CA GLU A 222 15.80 5.51 27.59
C GLU A 222 16.55 4.89 26.42
N LYS A 223 15.89 4.02 25.63
CA LYS A 223 16.54 3.39 24.49
C LYS A 223 16.72 4.40 23.36
N ASP A 224 15.86 5.45 23.34
CA ASP A 224 15.81 6.56 22.38
C ASP A 224 16.01 6.02 20.94
N PRO A 225 15.15 5.08 20.47
CA PRO A 225 15.34 4.56 19.12
C PRO A 225 15.05 5.59 18.05
N ASP A 226 15.80 5.53 16.96
CA ASP A 226 15.53 6.41 15.84
C ASP A 226 14.28 5.91 15.12
N VAL A 227 14.09 4.55 15.12
CA VAL A 227 12.99 3.91 14.43
C VAL A 227 12.15 3.05 15.37
N ILE A 228 10.82 3.27 15.38
CA ILE A 228 9.92 2.41 16.15
C ILE A 228 9.17 1.55 15.14
N ILE A 229 9.39 0.24 15.20
CA ILE A 229 8.76 -0.74 14.32
C ILE A 229 7.51 -1.33 14.98
N THR A 230 6.41 -1.38 14.22
CA THR A 230 5.17 -2.02 14.62
C THR A 230 4.62 -2.83 13.47
N TYR A 231 3.68 -3.70 13.79
CA TYR A 231 2.91 -4.41 12.79
C TYR A 231 1.50 -3.89 12.96
N ASN A 232 1.06 -3.00 12.06
CA ASN A 232 -0.24 -2.34 12.12
C ASN A 232 -0.41 -1.44 13.39
N GLY A 233 0.66 -0.78 13.80
CA GLY A 233 0.63 0.15 14.93
C GLY A 233 -0.11 1.43 14.58
N ASP A 234 -0.30 1.71 13.27
CA ASP A 234 -1.04 2.87 12.79
C ASP A 234 -2.51 2.78 13.19
N ASN A 235 -3.08 1.55 13.18
CA ASN A 235 -4.51 1.35 13.47
C ASN A 235 -4.78 0.64 14.76
N PHE A 236 -3.84 -0.16 15.26
CA PHE A 236 -4.14 -0.86 16.50
C PHE A 236 -3.29 -0.39 17.70
N ALA A 237 -1.99 -0.75 17.77
CA ALA A 237 -1.17 -0.48 18.94
C ALA A 237 -1.20 0.96 19.42
N PHE A 238 -0.89 1.96 18.55
CA PHE A 238 -0.83 3.35 19.00
C PHE A 238 -2.24 3.93 19.27
N PRO A 239 -3.26 3.79 18.40
CA PRO A 239 -4.59 4.32 18.76
C PRO A 239 -5.10 3.76 20.10
N TYR A 240 -4.85 2.45 20.38
CA TYR A 240 -5.28 1.78 21.60
C TYR A 240 -4.55 2.35 22.79
N LEU A 241 -3.17 2.49 22.69
CA LEU A 241 -2.30 3.05 23.74
C LEU A 241 -2.78 4.45 24.12
N LEU A 242 -3.09 5.27 23.09
CA LEU A 242 -3.60 6.63 23.25
C LEU A 242 -4.98 6.64 23.90
N LYS A 243 -5.89 5.69 23.53
CA LYS A 243 -7.24 5.60 24.11
C LYS A 243 -7.15 5.23 25.60
N ARG A 244 -6.30 4.23 25.91
CA ARG A 244 -6.14 3.79 27.30
C ARG A 244 -5.41 4.84 28.13
N ALA A 245 -4.39 5.52 27.54
CA ALA A 245 -3.67 6.60 28.23
C ALA A 245 -4.63 7.74 28.58
N GLU A 246 -5.62 8.04 27.71
CA GLU A 246 -6.66 9.05 27.90
C GLU A 246 -7.52 8.69 29.10
N LYS A 247 -8.07 7.45 29.12
CA LYS A 247 -8.96 6.91 30.16
C LYS A 247 -8.28 6.89 31.53
N LEU A 248 -6.94 6.69 31.54
CA LEU A 248 -6.08 6.56 32.70
C LEU A 248 -5.49 7.92 33.16
N GLY A 249 -5.68 8.97 32.36
CA GLY A 249 -5.20 10.33 32.64
C GLY A 249 -3.70 10.43 32.71
N ILE A 250 -3.00 9.80 31.74
CA ILE A 250 -1.54 9.78 31.64
C ILE A 250 -1.13 10.15 30.23
N LYS A 251 0.06 10.75 30.11
CA LYS A 251 0.58 11.18 28.83
C LYS A 251 1.54 10.13 28.26
N LEU A 252 1.75 10.17 26.93
CA LEU A 252 2.68 9.30 26.21
C LEU A 252 3.77 10.16 25.57
N PRO A 253 4.69 10.78 26.34
CA PRO A 253 5.70 11.66 25.71
C PRO A 253 6.79 10.88 24.97
N LEU A 254 6.39 10.28 23.83
CA LEU A 254 7.22 9.43 22.98
C LEU A 254 8.05 10.21 21.94
N GLY A 255 7.58 11.40 21.58
CA GLY A 255 8.29 12.28 20.66
C GLY A 255 9.58 12.78 21.28
N ARG A 256 10.59 13.07 20.46
CA ARG A 256 11.88 13.55 20.98
C ARG A 256 11.76 14.99 21.51
N ASP A 257 10.59 15.62 21.28
CA ASP A 257 10.23 16.97 21.75
C ASP A 257 9.18 16.82 22.85
N ASN A 258 9.01 15.58 23.37
CA ASN A 258 8.07 15.13 24.41
C ASN A 258 6.60 15.14 23.99
N SER A 259 6.33 15.19 22.69
CA SER A 259 4.97 15.17 22.17
C SER A 259 4.41 13.76 22.18
N GLU A 260 3.06 13.65 22.19
CA GLU A 260 2.40 12.35 22.17
C GLU A 260 2.33 11.84 20.72
N PRO A 261 2.33 10.49 20.47
CA PRO A 261 2.14 10.01 19.08
C PRO A 261 0.89 10.64 18.45
N LYS A 262 0.97 11.05 17.17
CA LYS A 262 -0.13 11.79 16.54
C LYS A 262 -0.82 11.00 15.44
N MET A 263 -2.14 10.88 15.57
CA MET A 263 -2.99 10.20 14.61
C MET A 263 -3.33 11.12 13.45
N GLN A 264 -3.08 10.62 12.23
CA GLN A 264 -3.33 11.30 10.95
C GLN A 264 -4.35 10.50 10.18
N ARG A 265 -5.33 11.17 9.55
CA ARG A 265 -6.35 10.46 8.79
C ARG A 265 -5.87 10.17 7.36
N MET A 266 -5.59 8.89 7.07
CA MET A 266 -5.16 8.46 5.75
C MET A 266 -6.22 7.49 5.20
N GLY A 267 -7.05 8.01 4.30
CA GLY A 267 -8.15 7.29 3.70
C GLY A 267 -9.26 7.22 4.71
N ASP A 268 -9.63 5.99 5.11
CA ASP A 268 -10.64 5.72 6.14
C ASP A 268 -9.93 5.13 7.39
N SER A 269 -8.65 4.73 7.19
CA SER A 269 -7.77 4.17 8.22
C SER A 269 -6.89 5.28 8.88
N LEU A 270 -5.90 4.91 9.69
CA LEU A 270 -5.08 5.91 10.35
C LEU A 270 -3.60 5.75 10.02
N ALA A 271 -2.82 6.79 10.35
CA ALA A 271 -1.38 6.82 10.23
C ALA A 271 -0.85 7.54 11.46
N VAL A 272 0.08 6.92 12.20
CA VAL A 272 0.59 7.51 13.43
C VAL A 272 2.03 7.96 13.28
N GLU A 273 2.27 9.23 13.62
CA GLU A 273 3.59 9.85 13.60
C GLU A 273 4.13 10.01 15.07
N ILE A 274 5.45 9.81 15.27
CA ILE A 274 6.17 10.04 16.53
C ILE A 274 7.30 11.01 16.16
N LYS A 275 7.20 12.27 16.63
CA LYS A 275 8.12 13.35 16.25
C LYS A 275 9.55 13.14 16.70
N GLY A 276 10.45 13.40 15.74
CA GLY A 276 11.89 13.25 15.88
C GLY A 276 12.35 11.82 15.59
N ARG A 277 11.39 10.89 15.36
CA ARG A 277 11.62 9.45 15.08
C ARG A 277 10.92 9.04 13.81
N ILE A 278 11.20 7.79 13.37
CA ILE A 278 10.52 7.18 12.25
C ILE A 278 9.63 6.08 12.82
N HIS A 279 8.26 6.26 12.79
CA HIS A 279 7.35 5.18 13.18
C HIS A 279 7.21 4.36 11.93
N PHE A 280 7.85 3.18 11.91
CA PHE A 280 7.87 2.34 10.72
C PHE A 280 6.86 1.22 10.87
N ASP A 281 5.67 1.42 10.25
CA ASP A 281 4.66 0.40 10.33
C ASP A 281 4.85 -0.53 9.16
N LEU A 282 5.18 -1.80 9.45
CA LEU A 282 5.43 -2.84 8.45
C LEU A 282 4.20 -3.21 7.62
N PHE A 283 2.98 -3.13 8.21
CA PHE A 283 1.71 -3.53 7.57
C PHE A 283 1.54 -2.94 6.14
N PRO A 284 1.58 -1.59 5.88
CA PRO A 284 1.51 -1.11 4.48
C PRO A 284 2.69 -1.58 3.61
N VAL A 285 3.90 -1.70 4.23
CA VAL A 285 5.13 -2.11 3.54
C VAL A 285 5.01 -3.54 2.99
N ILE A 286 4.69 -4.50 3.85
CA ILE A 286 4.60 -5.89 3.47
C ILE A 286 3.46 -6.12 2.46
N ARG A 287 2.31 -5.44 2.64
CA ARG A 287 1.14 -5.51 1.79
C ARG A 287 1.51 -5.15 0.31
N ARG A 288 2.40 -4.16 0.14
CA ARG A 288 2.90 -3.69 -1.17
C ARG A 288 3.88 -4.68 -1.78
N THR A 289 4.81 -5.16 -0.96
CA THR A 289 5.97 -5.95 -1.37
C THR A 289 5.65 -7.40 -1.68
N ILE A 290 4.83 -8.07 -0.84
CA ILE A 290 4.56 -9.50 -1.07
C ILE A 290 3.06 -9.76 -1.21
N ASN A 291 2.74 -10.84 -1.92
CA ASN A 291 1.40 -11.33 -2.23
C ASN A 291 1.02 -12.48 -1.34
N LEU A 292 0.01 -12.27 -0.50
CA LEU A 292 -0.51 -13.28 0.43
C LEU A 292 -2.04 -13.17 0.54
N PRO A 293 -2.79 -14.29 0.70
CA PRO A 293 -4.26 -14.16 0.90
C PRO A 293 -4.63 -13.44 2.22
N THR A 294 -3.80 -13.61 3.29
CA THR A 294 -3.91 -12.95 4.60
C THR A 294 -2.60 -12.40 5.03
N TYR A 295 -2.63 -11.21 5.64
CA TYR A 295 -1.43 -10.57 6.12
C TYR A 295 -1.35 -10.67 7.65
N THR A 296 -1.49 -11.91 8.17
CA THR A 296 -1.31 -12.17 9.60
C THR A 296 0.20 -12.16 9.82
N LEU A 297 0.66 -11.71 10.99
CA LEU A 297 2.09 -11.69 11.28
C LEU A 297 2.73 -13.08 11.05
N GLU A 298 2.02 -14.16 11.46
CA GLU A 298 2.40 -15.57 11.32
C GLU A 298 2.64 -15.96 9.83
N ALA A 299 1.71 -15.55 8.94
CA ALA A 299 1.80 -15.86 7.51
C ALA A 299 2.98 -15.11 6.88
N VAL A 300 3.14 -13.83 7.28
CA VAL A 300 4.19 -12.94 6.80
C VAL A 300 5.58 -13.47 7.24
N TYR A 301 5.75 -13.79 8.54
CA TYR A 301 7.00 -14.29 9.08
C TYR A 301 7.40 -15.59 8.35
N GLU A 302 6.45 -16.52 8.16
CA GLU A 302 6.71 -17.77 7.46
C GLU A 302 7.11 -17.53 6.00
N ALA A 303 6.47 -16.55 5.33
CA ALA A 303 6.75 -16.24 3.92
C ALA A 303 8.18 -15.70 3.75
N ILE A 304 8.65 -14.85 4.68
CA ILE A 304 9.96 -14.19 4.58
C ILE A 304 11.12 -15.05 5.10
N PHE A 305 10.96 -15.71 6.27
CA PHE A 305 12.01 -16.48 6.95
C PHE A 305 11.79 -18.02 6.95
N GLY A 306 10.74 -18.48 6.26
CA GLY A 306 10.44 -19.90 6.14
C GLY A 306 10.30 -20.67 7.43
N LYS A 307 9.93 -19.97 8.53
CA LYS A 307 9.75 -20.56 9.85
C LYS A 307 8.34 -20.34 10.33
N SER A 308 7.80 -21.34 11.00
CA SER A 308 6.44 -21.32 11.53
C SER A 308 6.34 -20.44 12.80
N LYS A 309 5.18 -19.81 12.99
CA LYS A 309 4.87 -19.02 14.17
C LYS A 309 3.48 -19.42 14.68
N GLU A 310 3.35 -19.66 15.98
CA GLU A 310 2.05 -20.03 16.55
C GLU A 310 1.16 -18.80 16.84
N LYS A 311 -0.15 -18.93 16.58
CA LYS A 311 -1.10 -17.87 16.88
C LYS A 311 -1.86 -18.21 18.15
N VAL A 312 -2.07 -17.20 18.97
CA VAL A 312 -2.88 -17.33 20.18
C VAL A 312 -4.06 -16.38 19.92
N TYR A 313 -5.26 -16.93 19.73
CA TYR A 313 -6.42 -16.11 19.38
C TYR A 313 -6.94 -15.32 20.58
N ALA A 314 -7.65 -14.20 20.29
CA ALA A 314 -8.16 -13.25 21.29
C ALA A 314 -8.97 -13.93 22.39
N HIS A 315 -9.85 -14.89 22.04
CA HIS A 315 -10.67 -15.61 23.00
C HIS A 315 -9.81 -16.45 23.99
N GLU A 316 -8.67 -17.01 23.52
CA GLU A 316 -7.73 -17.79 24.35
C GLU A 316 -7.01 -16.86 25.33
N ILE A 317 -6.65 -15.64 24.84
CA ILE A 317 -5.96 -14.61 25.63
C ILE A 317 -6.91 -14.13 26.76
N ALA A 318 -8.20 -13.89 26.44
CA ALA A 318 -9.22 -13.47 27.41
C ALA A 318 -9.40 -14.53 28.50
N GLU A 319 -9.53 -15.80 28.09
CA GLU A 319 -9.70 -16.93 29.00
C GLU A 319 -8.50 -17.06 29.93
N ALA A 320 -7.26 -17.01 29.42
CA ALA A 320 -6.04 -17.09 30.21
C ALA A 320 -5.92 -15.93 31.20
N TRP A 321 -6.21 -14.68 30.76
CA TRP A 321 -6.15 -13.51 31.63
C TRP A 321 -7.17 -13.57 32.76
N GLU A 322 -8.42 -13.92 32.44
CA GLU A 322 -9.54 -13.95 33.39
C GLU A 322 -9.42 -15.12 34.38
N THR A 323 -8.96 -16.29 33.92
CA THR A 323 -8.75 -17.50 34.74
C THR A 323 -7.43 -17.43 35.51
N GLY A 324 -6.43 -16.79 34.90
CA GLY A 324 -5.09 -16.71 35.47
C GLY A 324 -4.31 -17.97 35.19
N LYS A 325 -4.90 -18.90 34.39
CA LYS A 325 -4.30 -20.18 33.99
C LYS A 325 -3.86 -20.08 32.53
N GLY A 326 -2.67 -20.62 32.23
CA GLY A 326 -2.09 -20.61 30.90
C GLY A 326 -1.60 -19.26 30.43
N LEU A 327 -1.11 -18.43 31.36
CA LEU A 327 -0.62 -17.08 31.04
C LEU A 327 0.76 -17.08 30.38
N GLU A 328 1.58 -18.14 30.67
CA GLU A 328 2.92 -18.32 30.11
C GLU A 328 2.82 -18.41 28.58
N ARG A 329 1.75 -19.07 28.08
CA ARG A 329 1.49 -19.26 26.66
C ARG A 329 1.23 -17.92 25.99
N VAL A 330 0.42 -17.06 26.64
CA VAL A 330 0.08 -15.71 26.16
C VAL A 330 1.34 -14.80 26.15
N ALA A 331 2.13 -14.81 27.26
CA ALA A 331 3.37 -14.02 27.32
C ALA A 331 4.39 -14.45 26.26
N LYS A 332 4.45 -15.77 25.91
CA LYS A 332 5.38 -16.26 24.89
C LYS A 332 4.97 -15.73 23.51
N TYR A 333 3.65 -15.70 23.24
CA TYR A 333 3.06 -15.18 22.01
C TYR A 333 3.35 -13.68 21.87
N SER A 334 3.15 -12.89 22.96
CA SER A 334 3.41 -11.44 23.01
C SER A 334 4.88 -11.16 22.73
N MET A 335 5.78 -11.93 23.37
CA MET A 335 7.23 -11.83 23.21
C MET A 335 7.61 -12.14 21.75
N GLU A 336 7.03 -13.20 21.15
CA GLU A 336 7.36 -13.58 19.78
C GLU A 336 6.90 -12.52 18.78
N ASP A 337 5.69 -11.93 19.00
CA ASP A 337 5.13 -10.86 18.16
C ASP A 337 6.15 -9.73 18.05
N ALA A 338 6.76 -9.28 19.19
CA ALA A 338 7.78 -8.23 19.19
C ALA A 338 9.07 -8.68 18.48
N LYS A 339 9.58 -9.89 18.83
CA LYS A 339 10.78 -10.49 18.27
C LYS A 339 10.68 -10.59 16.74
N VAL A 340 9.56 -11.09 16.21
CA VAL A 340 9.43 -11.25 14.77
C VAL A 340 9.19 -9.90 14.12
N THR A 341 8.57 -8.95 14.84
CA THR A 341 8.33 -7.61 14.31
C THR A 341 9.68 -6.93 14.15
N PHE A 342 10.61 -7.18 15.10
CA PHE A 342 11.96 -6.62 15.04
C PHE A 342 12.70 -7.17 13.83
N GLU A 343 12.63 -8.49 13.61
CA GLU A 343 13.31 -9.19 12.52
C GLU A 343 12.76 -8.75 11.16
N LEU A 344 11.45 -8.56 11.08
CA LEU A 344 10.83 -8.13 9.83
C LEU A 344 11.18 -6.66 9.52
N GLY A 345 11.25 -5.82 10.55
CA GLY A 345 11.60 -4.41 10.40
C GLY A 345 13.01 -4.22 9.85
N LYS A 346 13.95 -5.03 10.36
CA LYS A 346 15.33 -5.02 9.95
C LYS A 346 15.45 -5.56 8.52
N GLU A 347 14.55 -6.47 8.12
CA GLU A 347 14.56 -7.05 6.79
C GLU A 347 14.03 -6.05 5.74
N PHE A 348 12.93 -5.35 6.05
CA PHE A 348 12.22 -4.46 5.12
C PHE A 348 12.59 -3.00 5.13
N PHE A 349 13.23 -2.49 6.22
CA PHE A 349 13.62 -1.07 6.28
C PHE A 349 14.71 -0.64 5.24
N PRO A 350 15.78 -1.46 4.97
CA PRO A 350 16.83 -1.01 4.07
C PRO A 350 16.33 -0.52 2.71
N MET A 351 15.35 -1.25 2.13
CA MET A 351 14.76 -0.93 0.84
C MET A 351 13.87 0.32 0.93
N GLU A 352 13.11 0.48 2.02
CA GLU A 352 12.28 1.66 2.21
C GLU A 352 13.17 2.88 2.36
N ALA A 353 14.33 2.73 3.04
CA ALA A 353 15.29 3.79 3.23
C ALA A 353 15.93 4.19 1.89
N GLN A 354 16.17 3.22 0.98
CA GLN A 354 16.77 3.57 -0.32
C GLN A 354 15.75 4.23 -1.26
N LEU A 355 14.45 3.87 -1.11
CA LEU A 355 13.38 4.46 -1.92
C LEU A 355 13.14 5.89 -1.48
N ALA A 356 13.21 6.14 -0.16
CA ALA A 356 13.10 7.48 0.43
C ALA A 356 14.12 8.43 -0.18
N ARG A 357 15.40 8.01 -0.13
CA ARG A 357 16.55 8.73 -0.66
C ARG A 357 16.38 8.99 -2.15
N LEU A 358 15.93 7.97 -2.91
CA LEU A 358 15.79 8.06 -4.36
C LEU A 358 14.72 9.10 -4.77
N VAL A 359 13.60 9.15 -4.03
CA VAL A 359 12.50 10.07 -4.32
C VAL A 359 12.67 11.42 -3.56
N GLY A 360 13.56 11.44 -2.57
CA GLY A 360 13.83 12.63 -1.79
C GLY A 360 12.73 13.04 -0.82
N GLN A 361 12.11 12.08 -0.17
CA GLN A 361 11.08 12.32 0.83
C GLN A 361 11.28 11.37 2.04
N PRO A 362 10.79 11.72 3.27
CA PRO A 362 11.06 10.87 4.45
C PRO A 362 10.49 9.47 4.37
N VAL A 363 11.15 8.50 5.04
CA VAL A 363 10.73 7.09 5.10
C VAL A 363 9.28 7.00 5.59
N TRP A 364 8.89 7.82 6.61
CA TRP A 364 7.52 7.79 7.14
C TRP A 364 6.50 7.88 6.03
N ASP A 365 6.67 8.86 5.15
CA ASP A 365 5.77 9.12 4.05
C ASP A 365 5.92 8.08 2.92
N VAL A 366 7.16 7.73 2.57
CA VAL A 366 7.50 6.82 1.46
C VAL A 366 7.03 5.41 1.78
N SER A 367 7.25 4.91 3.02
CA SER A 367 6.82 3.57 3.41
C SER A 367 5.31 3.40 3.34
N ARG A 368 4.56 4.55 3.34
CA ARG A 368 3.10 4.58 3.31
C ARG A 368 2.54 4.99 1.92
N SER A 369 3.38 5.07 0.86
CA SER A 369 2.93 5.51 -0.48
C SER A 369 2.85 4.41 -1.50
N SER A 370 1.96 4.60 -2.50
CA SER A 370 1.85 3.73 -3.68
C SER A 370 3.04 4.02 -4.59
N THR A 371 3.38 3.16 -5.57
CA THR A 371 4.50 3.47 -6.46
C THR A 371 4.18 4.70 -7.31
N GLY A 372 2.90 4.88 -7.65
CA GLY A 372 2.45 6.03 -8.43
C GLY A 372 2.76 7.34 -7.73
N ASN A 373 2.56 7.39 -6.40
CA ASN A 373 2.84 8.57 -5.58
C ASN A 373 4.37 8.72 -5.35
N LEU A 374 5.16 7.62 -5.37
CA LEU A 374 6.63 7.71 -5.32
C LEU A 374 7.11 8.41 -6.60
N VAL A 375 6.58 7.99 -7.80
CA VAL A 375 6.92 8.59 -9.09
C VAL A 375 6.61 10.09 -9.05
N GLU A 376 5.40 10.47 -8.55
CA GLU A 376 5.01 11.88 -8.51
C GLU A 376 5.95 12.73 -7.64
N TRP A 377 6.41 12.19 -6.48
CA TRP A 377 7.36 12.91 -5.64
C TRP A 377 8.73 13.08 -6.33
N PHE A 378 9.19 12.05 -7.08
CA PHE A 378 10.43 12.06 -7.84
C PHE A 378 10.31 13.11 -8.93
N LEU A 379 9.16 13.14 -9.63
CA LEU A 379 8.89 14.07 -10.74
C LEU A 379 8.81 15.52 -10.25
N LEU A 380 8.17 15.76 -9.10
CA LEU A 380 8.05 17.10 -8.54
C LEU A 380 9.42 17.69 -8.20
N ARG A 381 10.31 16.88 -7.64
CA ARG A 381 11.66 17.32 -7.28
C ARG A 381 12.45 17.64 -8.52
N LYS A 382 12.40 16.73 -9.51
CA LYS A 382 13.07 16.86 -10.81
C LYS A 382 12.51 18.04 -11.59
N ALA A 383 11.19 18.32 -11.44
CA ALA A 383 10.54 19.49 -12.07
C ALA A 383 11.12 20.80 -11.51
N TYR A 384 11.37 20.88 -10.19
CA TYR A 384 11.98 22.07 -9.56
C TYR A 384 13.39 22.26 -10.06
N GLU A 385 14.16 21.13 -10.13
CA GLU A 385 15.56 21.11 -10.56
C GLU A 385 15.72 21.64 -11.97
N ARG A 386 14.73 21.31 -12.84
CA ARG A 386 14.74 21.61 -14.27
C ARG A 386 13.91 22.82 -14.69
N ASN A 387 13.43 23.61 -13.69
CA ASN A 387 12.60 24.81 -13.88
C ASN A 387 11.39 24.45 -14.72
N GLU A 388 10.75 23.29 -14.42
CA GLU A 388 9.54 22.87 -15.14
C GLU A 388 8.32 23.04 -14.23
N LEU A 389 7.35 23.85 -14.71
CA LEU A 389 6.08 24.06 -14.01
C LEU A 389 5.36 22.71 -13.99
N ALA A 390 4.94 22.28 -12.80
CA ALA A 390 4.28 21.00 -12.64
C ALA A 390 2.79 21.08 -13.00
N PRO A 391 2.23 20.09 -13.72
CA PRO A 391 0.79 20.11 -13.96
C PRO A 391 0.05 19.86 -12.64
N ASN A 392 -1.25 20.24 -12.64
CA ASN A 392 -2.09 20.04 -11.47
C ASN A 392 -2.68 18.65 -11.46
N LYS A 393 -3.12 18.24 -10.30
CA LYS A 393 -3.83 16.99 -10.12
C LYS A 393 -5.21 17.19 -10.77
N PRO A 394 -5.86 16.15 -11.31
CA PRO A 394 -7.18 16.39 -11.93
C PRO A 394 -8.21 16.77 -10.91
N ASP A 395 -9.29 17.47 -11.34
CA ASP A 395 -10.45 17.74 -10.49
C ASP A 395 -11.30 16.46 -10.45
N GLU A 396 -12.39 16.41 -9.65
CA GLU A 396 -13.25 15.20 -9.56
C GLU A 396 -13.74 14.78 -10.94
N ARG A 397 -14.17 15.76 -11.78
CA ARG A 397 -14.68 15.58 -13.14
C ARG A 397 -13.64 14.90 -14.04
N GLU A 398 -12.42 15.49 -14.12
CA GLU A 398 -11.29 14.96 -14.92
C GLU A 398 -10.84 13.61 -14.39
N TYR A 399 -10.76 13.41 -13.06
CA TYR A 399 -10.35 12.15 -12.47
C TYR A 399 -11.27 11.01 -12.92
N GLU A 400 -12.60 11.25 -12.93
CA GLU A 400 -13.63 10.25 -13.31
C GLU A 400 -13.61 9.94 -14.80
N ARG A 401 -13.38 10.98 -15.66
CA ARG A 401 -13.27 10.86 -17.11
C ARG A 401 -12.11 9.98 -17.48
N ARG A 402 -10.96 10.10 -16.76
CA ARG A 402 -9.76 9.29 -16.97
C ARG A 402 -10.05 7.81 -16.63
N LEU A 403 -10.82 7.58 -15.55
CA LEU A 403 -11.21 6.23 -15.13
C LEU A 403 -12.13 5.56 -16.19
N ARG A 404 -12.93 6.39 -16.90
CA ARG A 404 -13.86 5.99 -17.94
C ARG A 404 -13.18 5.76 -19.32
N GLU A 405 -12.00 6.39 -19.59
CA GLU A 405 -11.24 6.22 -20.84
C GLU A 405 -10.87 4.78 -21.11
N SER A 406 -11.10 4.35 -22.39
CA SER A 406 -10.78 3.02 -22.94
C SER A 406 -9.42 3.07 -23.68
N TYR A 407 -8.60 1.97 -23.62
CA TYR A 407 -7.28 1.94 -24.27
C TYR A 407 -7.21 0.90 -25.39
N LYS A 413 -4.66 -11.93 -24.43
CA LYS A 413 -5.71 -12.87 -24.87
C LYS A 413 -6.51 -13.44 -23.66
N GLU A 414 -7.54 -14.25 -23.93
CA GLU A 414 -8.30 -14.88 -22.86
C GLU A 414 -7.54 -16.19 -22.44
N PRO A 415 -7.26 -16.37 -21.12
CA PRO A 415 -6.47 -17.53 -20.66
C PRO A 415 -6.95 -18.91 -21.12
N GLU A 416 -6.03 -19.88 -21.08
CA GLU A 416 -6.35 -21.28 -21.37
C GLU A 416 -7.11 -21.85 -20.17
N LYS A 417 -8.20 -22.54 -20.45
CA LYS A 417 -9.02 -23.16 -19.42
C LYS A 417 -8.33 -24.43 -18.87
N GLY A 418 -8.85 -24.94 -17.76
CA GLY A 418 -8.36 -26.19 -17.19
C GLY A 418 -7.21 -26.03 -16.23
N LEU A 419 -6.78 -27.20 -15.72
CA LEU A 419 -5.70 -27.32 -14.76
C LEU A 419 -4.43 -27.69 -15.47
N TRP A 420 -3.39 -26.84 -15.30
CA TRP A 420 -2.08 -26.99 -15.93
C TRP A 420 -0.99 -27.35 -14.90
N GLU A 421 -0.05 -28.19 -15.31
CA GLU A 421 1.08 -28.65 -14.49
C GLU A 421 2.38 -28.14 -15.03
N GLY A 422 3.34 -27.89 -14.14
CA GLY A 422 4.66 -27.42 -14.53
C GLY A 422 4.62 -26.08 -15.23
N ILE A 423 4.18 -25.05 -14.51
CA ILE A 423 4.04 -23.72 -15.07
C ILE A 423 5.25 -22.87 -14.80
N VAL A 424 5.78 -22.27 -15.86
CA VAL A 424 6.91 -21.39 -15.79
C VAL A 424 6.39 -19.92 -15.89
N SER A 425 6.91 -19.01 -15.06
CA SER A 425 6.48 -17.62 -15.06
C SER A 425 7.57 -16.66 -15.59
N LEU A 426 7.25 -15.84 -16.63
CA LEU A 426 8.16 -14.87 -17.26
C LEU A 426 7.65 -13.45 -17.07
N ASP A 427 8.55 -12.55 -16.70
CA ASP A 427 8.22 -11.15 -16.42
C ASP A 427 8.69 -10.19 -17.56
N PHE A 428 7.78 -9.35 -18.07
CA PHE A 428 8.04 -8.40 -19.15
C PHE A 428 8.39 -6.99 -18.70
N ARG A 429 8.09 -6.60 -17.43
CA ARG A 429 8.15 -5.22 -16.92
C ARG A 429 9.41 -4.44 -17.21
N SER A 430 10.59 -5.09 -17.27
CA SER A 430 11.86 -4.39 -17.48
C SER A 430 12.09 -4.00 -18.97
N LEU A 431 11.04 -4.15 -19.77
CA LEU A 431 11.00 -3.83 -21.20
C LEU A 431 10.55 -2.37 -21.45
N TYR A 432 9.53 -1.92 -20.73
CA TYR A 432 8.87 -0.64 -20.87
C TYR A 432 9.73 0.61 -20.65
N PRO A 433 10.61 0.74 -19.61
CA PRO A 433 11.40 1.99 -19.48
C PRO A 433 12.22 2.23 -20.75
N SER A 434 12.80 1.17 -21.31
CA SER A 434 13.57 1.26 -22.54
C SER A 434 12.70 1.72 -23.72
N ILE A 435 11.42 1.33 -23.78
CA ILE A 435 10.52 1.72 -24.86
C ILE A 435 10.20 3.22 -24.73
N ILE A 436 9.96 3.70 -23.50
CA ILE A 436 9.67 5.12 -23.20
C ILE A 436 10.83 5.99 -23.63
N ILE A 437 12.08 5.54 -23.34
CA ILE A 437 13.28 6.31 -23.68
C ILE A 437 13.54 6.34 -25.20
N THR A 438 13.60 5.18 -25.87
CA THR A 438 13.92 5.10 -27.30
C THR A 438 12.89 5.80 -28.13
N HIS A 439 11.64 5.78 -27.73
CA HIS A 439 10.60 6.44 -28.52
C HIS A 439 10.25 7.84 -28.00
N ASN A 440 10.96 8.32 -26.95
CA ASN A 440 10.77 9.68 -26.37
C ASN A 440 9.30 9.93 -25.99
N VAL A 441 8.67 8.93 -25.37
CA VAL A 441 7.27 8.92 -24.98
C VAL A 441 7.09 9.80 -23.73
N SER A 442 6.42 10.93 -23.92
CA SER A 442 6.20 11.91 -22.85
C SER A 442 5.01 12.81 -23.20
N PRO A 443 4.26 13.30 -22.19
CA PRO A 443 3.14 14.21 -22.50
C PRO A 443 3.60 15.47 -23.24
N ASP A 444 4.83 15.97 -22.96
CA ASP A 444 5.40 17.15 -23.58
C ASP A 444 5.90 16.92 -25.01
N THR A 445 6.02 15.67 -25.47
CA THR A 445 6.45 15.43 -26.86
C THR A 445 5.30 14.94 -27.74
N LEU A 446 4.16 14.64 -27.12
CA LEU A 446 2.99 14.14 -27.85
C LEU A 446 2.39 15.23 -28.73
N ASN A 447 2.13 14.86 -30.01
CA ASN A 447 1.52 15.61 -31.12
C ASN A 447 1.87 17.11 -31.07
N ARG A 448 3.18 17.39 -31.11
CA ARG A 448 3.74 18.72 -31.13
C ARG A 448 3.51 19.38 -32.48
N GLU A 449 3.12 20.67 -32.48
CA GLU A 449 2.96 21.40 -33.75
C GLU A 449 4.34 21.78 -34.26
N ASN A 450 4.49 21.77 -35.60
CA ASN A 450 5.67 22.11 -36.39
C ASN A 450 6.94 21.34 -35.94
N CYS A 451 6.71 20.06 -35.56
CA CYS A 451 7.77 19.14 -35.16
C CYS A 451 8.44 18.61 -36.44
N LYS A 452 9.79 18.54 -36.44
CA LYS A 452 10.58 18.16 -37.59
C LYS A 452 10.68 16.63 -37.78
N GLU A 453 10.91 15.86 -36.70
CA GLU A 453 11.02 14.40 -36.75
C GLU A 453 10.21 13.79 -35.64
N TYR A 454 9.44 12.73 -35.92
CA TYR A 454 8.64 12.12 -34.87
C TYR A 454 8.53 10.62 -34.98
N ASP A 455 8.24 9.98 -33.84
CA ASP A 455 7.97 8.55 -33.79
C ASP A 455 6.47 8.37 -33.72
N VAL A 456 5.96 7.45 -34.54
CA VAL A 456 4.54 7.12 -34.63
C VAL A 456 4.35 5.75 -33.98
N ALA A 457 3.43 5.67 -33.02
CA ALA A 457 3.12 4.43 -32.33
C ALA A 457 2.37 3.47 -33.27
N PRO A 458 2.71 2.14 -33.30
CA PRO A 458 1.97 1.21 -34.18
C PRO A 458 0.50 1.16 -33.81
N GLN A 459 -0.40 0.98 -34.81
CA GLN A 459 -1.88 0.85 -34.66
C GLN A 459 -2.54 2.14 -34.16
N VAL A 460 -2.14 2.60 -32.94
CA VAL A 460 -2.71 3.76 -32.23
C VAL A 460 -2.39 5.12 -32.93
N GLY A 461 -1.20 5.23 -33.51
CA GLY A 461 -0.80 6.37 -34.32
C GLY A 461 -0.37 7.64 -33.63
N HIS A 462 -0.10 7.59 -32.31
CA HIS A 462 0.35 8.79 -31.58
C HIS A 462 1.74 9.21 -32.02
N ARG A 463 1.93 10.51 -32.28
N ARG A 463 1.92 10.53 -32.28
CA ARG A 463 3.22 11.03 -32.75
CA ARG A 463 3.18 11.11 -32.75
C ARG A 463 4.01 11.72 -31.64
C ARG A 463 3.99 11.72 -31.59
N PHE A 464 5.22 11.21 -31.34
CA PHE A 464 6.11 11.74 -30.30
C PHE A 464 7.31 12.40 -30.91
N CYS A 465 7.38 13.73 -30.75
CA CYS A 465 8.44 14.59 -31.23
C CYS A 465 9.82 14.13 -30.75
N LYS A 466 10.77 14.04 -31.70
CA LYS A 466 12.17 13.64 -31.51
C LYS A 466 13.08 14.85 -31.33
N ASP A 467 12.57 16.09 -31.56
CA ASP A 467 13.35 17.36 -31.57
C ASP A 467 14.03 17.71 -30.24
N PHE A 468 13.47 17.31 -29.13
CA PHE A 468 14.03 17.55 -27.82
C PHE A 468 13.74 16.32 -26.95
N PRO A 469 14.63 15.89 -26.04
CA PRO A 469 14.25 14.78 -25.15
C PRO A 469 13.10 15.19 -24.24
N GLY A 470 12.08 14.33 -24.14
CA GLY A 470 10.92 14.58 -23.28
C GLY A 470 11.34 14.60 -21.82
N PHE A 471 10.55 15.28 -20.96
CA PHE A 471 10.87 15.37 -19.52
C PHE A 471 11.08 13.96 -18.91
N ILE A 472 10.04 13.05 -19.02
CA ILE A 472 10.07 11.68 -18.46
C ILE A 472 11.17 10.84 -19.14
N PRO A 473 11.25 10.72 -20.49
CA PRO A 473 12.32 9.90 -21.09
C PRO A 473 13.72 10.31 -20.62
N SER A 474 13.96 11.62 -20.45
CA SER A 474 15.19 12.20 -19.99
C SER A 474 15.53 11.71 -18.61
N LEU A 475 14.56 11.74 -17.67
CA LEU A 475 14.71 11.27 -16.27
C LEU A 475 14.96 9.79 -16.16
N LEU A 476 14.23 8.99 -16.95
CA LEU A 476 14.30 7.53 -17.00
C LEU A 476 15.67 7.07 -17.46
N GLY A 477 16.20 7.74 -18.50
CA GLY A 477 17.49 7.44 -19.08
C GLY A 477 18.59 7.61 -18.06
N ASN A 478 18.48 8.70 -17.27
CA ASN A 478 19.41 9.01 -16.20
C ASN A 478 19.29 7.94 -15.11
N LEU A 479 18.03 7.55 -14.74
CA LEU A 479 17.81 6.49 -13.78
C LEU A 479 18.49 5.18 -14.23
N LEU A 480 18.28 4.77 -15.50
CA LEU A 480 18.83 3.52 -16.03
C LEU A 480 20.38 3.54 -16.09
N GLU A 481 20.97 4.68 -16.50
CA GLU A 481 22.43 4.88 -16.56
C GLU A 481 23.01 4.74 -15.15
N GLU A 482 22.33 5.38 -14.14
CA GLU A 482 22.71 5.36 -12.72
C GLU A 482 22.73 3.91 -12.18
N ARG A 483 21.74 3.07 -12.60
CA ARG A 483 21.65 1.68 -12.22
C ARG A 483 22.83 0.88 -12.79
N GLN A 484 23.18 1.10 -14.08
CA GLN A 484 24.27 0.41 -14.75
C GLN A 484 25.60 0.75 -14.06
N LYS A 485 25.75 2.00 -13.58
CA LYS A 485 26.95 2.43 -12.87
C LYS A 485 27.07 1.73 -11.51
N ILE A 486 25.94 1.63 -10.78
CA ILE A 486 25.90 0.94 -9.50
C ILE A 486 26.31 -0.54 -9.70
N LYS A 487 25.68 -1.21 -10.71
CA LYS A 487 25.95 -2.60 -11.08
C LYS A 487 27.43 -2.82 -11.42
N LYS A 488 28.05 -1.85 -12.16
CA LYS A 488 29.48 -1.89 -12.52
C LYS A 488 30.33 -1.75 -11.27
N ARG A 489 29.94 -0.88 -10.32
CA ARG A 489 30.68 -0.68 -9.06
C ARG A 489 30.62 -1.98 -8.20
N MET A 490 29.49 -2.72 -8.29
CA MET A 490 29.27 -3.97 -7.55
C MET A 490 30.21 -5.09 -8.00
N LYS A 491 30.41 -5.25 -9.34
CA LYS A 491 31.31 -6.25 -9.90
C LYS A 491 32.77 -5.98 -9.49
N GLU A 492 33.18 -4.70 -9.49
CA GLU A 492 34.54 -4.25 -9.16
C GLU A 492 34.78 -4.04 -7.64
N SER A 493 33.80 -4.38 -6.78
CA SER A 493 33.95 -4.18 -5.33
C SER A 493 34.28 -5.46 -4.58
N LYS A 494 35.33 -5.38 -3.72
CA LYS A 494 35.84 -6.46 -2.86
C LYS A 494 35.32 -6.30 -1.41
N ASP A 495 34.49 -5.24 -1.15
CA ASP A 495 33.90 -4.91 0.14
C ASP A 495 32.44 -5.41 0.22
N PRO A 496 32.14 -6.46 1.02
CA PRO A 496 30.77 -6.99 1.07
C PRO A 496 29.72 -6.05 1.70
N VAL A 497 30.17 -5.03 2.48
CA VAL A 497 29.29 -4.06 3.13
C VAL A 497 28.69 -3.10 2.09
N GLU A 498 29.55 -2.47 1.22
CA GLU A 498 29.07 -1.55 0.18
C GLU A 498 28.29 -2.29 -0.91
N LYS A 499 28.69 -3.56 -1.21
CA LYS A 499 28.01 -4.42 -2.18
C LYS A 499 26.53 -4.61 -1.78
N LYS A 500 26.26 -4.78 -0.46
CA LYS A 500 24.94 -4.94 0.14
C LYS A 500 24.13 -3.65 -0.05
N LEU A 501 24.74 -2.50 0.27
CA LEU A 501 24.11 -1.20 0.18
C LEU A 501 23.80 -0.86 -1.28
N LEU A 502 24.79 -1.06 -2.19
CA LEU A 502 24.62 -0.81 -3.63
C LEU A 502 23.54 -1.72 -4.23
N ASP A 503 23.39 -2.96 -3.71
CA ASP A 503 22.40 -3.90 -4.20
C ASP A 503 20.98 -3.35 -3.96
N TYR A 504 20.74 -2.74 -2.77
CA TYR A 504 19.47 -2.09 -2.41
C TYR A 504 19.21 -0.88 -3.28
N ARG A 505 20.27 -0.20 -3.67
CA ARG A 505 20.19 1.01 -4.48
C ARG A 505 19.80 0.74 -5.91
N GLN A 506 20.40 -0.29 -6.54
CA GLN A 506 20.07 -0.63 -7.92
C GLN A 506 18.64 -1.25 -7.96
N ARG A 507 18.24 -1.95 -6.89
CA ARG A 507 16.91 -2.54 -6.78
C ARG A 507 15.86 -1.42 -6.68
N ALA A 508 16.14 -0.36 -5.86
CA ALA A 508 15.25 0.78 -5.66
C ALA A 508 15.02 1.52 -7.00
N ILE A 509 16.07 1.64 -7.83
CA ILE A 509 15.97 2.26 -9.16
C ILE A 509 15.05 1.40 -10.05
N LYS A 510 15.26 0.06 -10.05
CA LYS A 510 14.44 -0.88 -10.82
C LYS A 510 12.96 -0.74 -10.46
N ILE A 511 12.66 -0.63 -9.16
CA ILE A 511 11.28 -0.48 -8.69
C ILE A 511 10.68 0.84 -9.22
N LEU A 512 11.41 1.96 -9.09
CA LEU A 512 10.94 3.26 -9.56
C LEU A 512 10.80 3.29 -11.07
N ALA A 513 11.83 2.84 -11.85
CA ALA A 513 11.81 2.85 -13.32
C ALA A 513 10.66 2.01 -13.88
N ASN A 514 10.39 0.83 -13.27
CA ASN A 514 9.34 -0.06 -13.75
C ASN A 514 7.93 0.41 -13.36
N SER A 515 7.80 1.53 -12.58
CA SER A 515 6.52 2.13 -12.16
C SER A 515 6.03 3.23 -13.10
N TYR A 516 6.89 3.71 -14.02
CA TYR A 516 6.56 4.81 -14.94
C TYR A 516 5.48 4.46 -15.97
N TYR A 517 5.54 3.23 -16.55
CA TYR A 517 4.57 2.77 -17.54
C TYR A 517 3.19 2.84 -16.90
N GLY A 518 3.04 2.29 -15.69
CA GLY A 518 1.78 2.32 -14.96
C GLY A 518 1.30 3.71 -14.56
N TYR A 519 2.27 4.59 -14.22
CA TYR A 519 2.05 5.96 -13.80
C TYR A 519 1.37 6.77 -14.91
N TYR A 520 1.80 6.64 -16.19
CA TYR A 520 1.19 7.34 -17.33
C TYR A 520 -0.32 7.15 -17.38
N GLY A 521 -0.79 6.00 -16.90
CA GLY A 521 -2.21 5.67 -16.88
C GLY A 521 -2.93 5.86 -15.55
N TYR A 522 -2.22 6.26 -14.49
CA TYR A 522 -2.77 6.50 -13.15
C TYR A 522 -3.63 7.80 -13.18
N ALA A 523 -4.95 7.65 -13.01
CA ALA A 523 -5.96 8.72 -13.11
C ALA A 523 -5.71 9.93 -12.19
N LYS A 524 -5.00 9.75 -11.07
CA LYS A 524 -4.72 10.86 -10.16
C LYS A 524 -3.35 11.56 -10.51
N ALA A 525 -2.60 11.03 -11.49
CA ALA A 525 -1.27 11.56 -11.87
C ALA A 525 -1.31 12.95 -12.47
N ARG A 526 -0.30 13.76 -12.12
CA ARG A 526 -0.09 15.12 -12.65
C ARG A 526 0.37 14.98 -14.10
N TRP A 527 1.37 14.10 -14.35
CA TRP A 527 1.92 13.84 -15.67
C TRP A 527 1.22 12.66 -16.32
N TYR A 528 -0.10 12.53 -16.06
CA TYR A 528 -0.98 11.51 -16.66
C TYR A 528 -0.96 11.71 -18.14
N CYS A 529 -0.88 10.59 -18.88
CA CYS A 529 -0.87 10.64 -20.33
C CYS A 529 -1.36 9.29 -20.90
N LYS A 530 -2.66 9.23 -21.25
CA LYS A 530 -3.36 8.08 -21.81
C LYS A 530 -2.66 7.64 -23.11
N GLU A 531 -2.39 8.61 -24.03
CA GLU A 531 -1.73 8.37 -25.32
C GLU A 531 -0.31 7.78 -25.13
N CYS A 532 0.40 8.21 -24.07
CA CYS A 532 1.73 7.69 -23.69
C CYS A 532 1.62 6.22 -23.32
N ALA A 533 0.63 5.89 -22.47
CA ALA A 533 0.43 4.54 -21.98
C ALA A 533 0.05 3.58 -23.13
N GLU A 534 -0.86 4.00 -24.04
CA GLU A 534 -1.26 3.19 -25.20
C GLU A 534 -0.09 2.95 -26.15
N SER A 535 0.71 4.01 -26.43
CA SER A 535 1.84 3.94 -27.33
C SER A 535 2.88 2.97 -26.80
N VAL A 536 3.14 3.01 -25.48
CA VAL A 536 4.07 2.10 -24.83
C VAL A 536 3.55 0.68 -24.93
N THR A 537 2.22 0.48 -24.77
CA THR A 537 1.56 -0.82 -24.92
C THR A 537 1.72 -1.32 -26.38
N ALA A 538 1.51 -0.42 -27.37
CA ALA A 538 1.60 -0.77 -28.79
C ALA A 538 3.02 -1.19 -29.19
N TRP A 539 4.03 -0.44 -28.72
CA TRP A 539 5.41 -0.78 -29.03
C TRP A 539 5.85 -2.03 -28.23
N GLY A 540 5.40 -2.14 -26.98
CA GLY A 540 5.74 -3.28 -26.13
C GLY A 540 5.26 -4.61 -26.68
N ARG A 541 4.03 -4.62 -27.23
CA ARG A 541 3.33 -5.77 -27.84
C ARG A 541 4.14 -6.45 -28.94
N GLN A 542 4.97 -5.70 -29.70
CA GLN A 542 5.83 -6.24 -30.76
C GLN A 542 6.86 -7.19 -30.16
N TYR A 543 7.35 -6.87 -28.97
CA TYR A 543 8.32 -7.70 -28.29
C TYR A 543 7.63 -8.89 -27.62
N ILE A 544 6.42 -8.66 -27.06
CA ILE A 544 5.60 -9.68 -26.42
C ILE A 544 5.23 -10.74 -27.45
N ASP A 545 4.83 -10.33 -28.69
CA ASP A 545 4.49 -11.24 -29.79
C ASP A 545 5.72 -12.06 -30.25
N LEU A 546 6.92 -11.47 -30.16
CA LEU A 546 8.16 -12.12 -30.50
C LEU A 546 8.48 -13.21 -29.48
N VAL A 547 8.38 -12.88 -28.17
CA VAL A 547 8.58 -13.82 -27.05
C VAL A 547 7.59 -14.98 -27.20
N ARG A 548 6.29 -14.67 -27.43
CA ARG A 548 5.20 -15.64 -27.59
C ARG A 548 5.53 -16.63 -28.72
N ARG A 549 5.90 -16.11 -29.92
CA ARG A 549 6.26 -16.91 -31.09
C ARG A 549 7.48 -17.78 -30.85
N GLU A 550 8.52 -17.21 -30.18
CA GLU A 550 9.78 -17.94 -29.93
C GLU A 550 9.55 -19.06 -28.92
N LEU A 551 8.69 -18.82 -27.91
CA LEU A 551 8.30 -19.85 -26.96
C LEU A 551 7.53 -20.97 -27.67
N GLU A 552 6.54 -20.61 -28.50
CA GLU A 552 5.69 -21.58 -29.19
C GLU A 552 6.49 -22.47 -30.14
N SER A 553 7.55 -21.93 -30.77
CA SER A 553 8.39 -22.74 -31.68
C SER A 553 9.32 -23.66 -30.87
N ARG A 554 9.44 -23.42 -29.54
CA ARG A 554 10.27 -24.22 -28.65
C ARG A 554 9.49 -25.36 -27.98
N GLY A 555 8.19 -25.45 -28.25
CA GLY A 555 7.31 -26.49 -27.72
C GLY A 555 6.45 -26.02 -26.57
N PHE A 556 6.67 -24.79 -26.10
CA PHE A 556 5.91 -24.20 -25.01
C PHE A 556 4.50 -23.81 -25.45
N LYS A 557 3.56 -23.92 -24.54
CA LYS A 557 2.16 -23.49 -24.68
C LYS A 557 2.00 -22.30 -23.77
N VAL A 558 1.55 -21.16 -24.29
CA VAL A 558 1.34 -19.96 -23.48
C VAL A 558 -0.09 -20.04 -22.92
N LEU A 559 -0.23 -19.98 -21.59
CA LEU A 559 -1.53 -20.19 -20.94
C LEU A 559 -2.21 -18.91 -20.56
N TYR A 560 -1.40 -17.88 -20.29
CA TYR A 560 -1.82 -16.57 -19.82
C TYR A 560 -0.80 -15.51 -20.25
N ILE A 561 -1.26 -14.36 -20.77
CA ILE A 561 -0.39 -13.24 -21.13
C ILE A 561 -1.07 -11.97 -20.70
N ASP A 562 -0.33 -11.12 -19.99
CA ASP A 562 -0.75 -9.78 -19.60
C ASP A 562 0.42 -8.83 -19.90
N THR A 563 0.24 -7.50 -19.79
CA THR A 563 1.32 -6.56 -20.10
C THR A 563 2.52 -6.77 -19.18
N ASP A 564 2.27 -7.42 -18.02
CA ASP A 564 3.29 -7.68 -16.99
C ASP A 564 4.13 -8.90 -17.24
N GLY A 565 3.54 -9.93 -17.82
CA GLY A 565 4.24 -11.17 -18.09
C GLY A 565 3.39 -12.25 -18.70
N LEU A 566 3.88 -13.49 -18.59
CA LEU A 566 3.17 -14.66 -19.09
C LEU A 566 3.45 -15.92 -18.27
N TYR A 567 2.60 -16.93 -18.45
CA TYR A 567 2.73 -18.26 -17.87
C TYR A 567 2.69 -19.25 -19.00
N ALA A 568 3.62 -20.20 -18.97
CA ALA A 568 3.72 -21.22 -20.02
C ALA A 568 4.16 -22.55 -19.45
N THR A 569 3.93 -23.59 -20.22
CA THR A 569 4.34 -24.95 -19.90
C THR A 569 4.70 -25.64 -21.20
N ILE A 570 5.31 -26.83 -21.11
CA ILE A 570 5.57 -27.71 -22.24
C ILE A 570 4.66 -28.86 -21.94
N PRO A 571 3.46 -28.92 -22.58
CA PRO A 571 2.47 -29.96 -22.24
C PRO A 571 3.10 -31.35 -22.17
N GLY A 572 2.85 -32.00 -21.02
CA GLY A 572 3.34 -33.33 -20.72
C GLY A 572 4.84 -33.50 -20.61
N ALA A 573 5.55 -32.43 -20.25
CA ALA A 573 7.00 -32.58 -20.11
C ALA A 573 7.42 -32.68 -18.64
N LYS A 574 8.64 -33.25 -18.40
CA LYS A 574 9.24 -33.38 -17.08
C LYS A 574 9.56 -31.97 -16.55
N HIS A 575 9.35 -31.72 -15.24
CA HIS A 575 9.54 -30.42 -14.62
C HIS A 575 10.95 -29.82 -14.78
N GLU A 576 12.02 -30.62 -14.61
CA GLU A 576 13.38 -30.12 -14.78
C GLU A 576 13.65 -29.73 -16.24
N GLU A 577 12.99 -30.41 -17.20
CA GLU A 577 13.13 -30.13 -18.63
C GLU A 577 12.46 -28.79 -18.97
N ILE A 578 11.27 -28.53 -18.37
CA ILE A 578 10.54 -27.27 -18.56
C ILE A 578 11.42 -26.16 -18.05
N LYS A 579 11.96 -26.29 -16.81
CA LYS A 579 12.84 -25.31 -16.17
C LYS A 579 14.08 -25.02 -17.01
N GLU A 580 14.83 -26.08 -17.36
CA GLU A 580 16.07 -26.00 -18.14
C GLU A 580 15.85 -25.26 -19.46
N LYS A 581 14.76 -25.62 -20.20
CA LYS A 581 14.43 -25.00 -21.49
C LYS A 581 14.03 -23.55 -21.30
N ALA A 582 13.31 -23.23 -20.21
CA ALA A 582 12.85 -21.87 -19.90
C ALA A 582 14.00 -20.96 -19.55
N LEU A 583 14.94 -21.45 -18.71
CA LEU A 583 16.12 -20.73 -18.27
C LEU A 583 17.04 -20.44 -19.45
N LYS A 584 17.13 -21.43 -20.39
CA LYS A 584 17.88 -21.33 -21.65
C LYS A 584 17.20 -20.32 -22.55
N PHE A 585 15.84 -20.33 -22.56
CA PHE A 585 15.04 -19.42 -23.36
C PHE A 585 15.25 -17.92 -22.99
N VAL A 586 15.22 -17.58 -21.70
CA VAL A 586 15.41 -16.19 -21.25
C VAL A 586 16.84 -15.71 -21.60
N GLU A 587 17.84 -16.57 -21.33
CA GLU A 587 19.25 -16.34 -21.65
C GLU A 587 19.37 -16.01 -23.16
N TYR A 588 18.61 -16.74 -24.02
CA TYR A 588 18.65 -16.56 -25.47
C TYR A 588 17.97 -15.27 -25.91
N ILE A 589 16.72 -15.01 -25.46
CA ILE A 589 15.96 -13.82 -25.87
C ILE A 589 16.68 -12.52 -25.48
N ASN A 590 17.22 -12.44 -24.26
CA ASN A 590 17.96 -11.28 -23.76
C ASN A 590 19.20 -10.96 -24.63
N SER A 591 19.80 -11.98 -25.22
CA SER A 591 20.94 -11.89 -26.12
C SER A 591 20.49 -11.40 -27.50
N LYS A 592 19.19 -11.55 -27.83
CA LYS A 592 18.65 -11.09 -29.12
C LYS A 592 18.11 -9.66 -29.00
N LEU A 593 17.47 -9.32 -27.87
CA LEU A 593 16.86 -8.01 -27.61
C LEU A 593 17.92 -6.94 -27.34
N PRO A 594 17.86 -5.81 -28.11
CA PRO A 594 18.87 -4.74 -27.95
C PRO A 594 18.78 -3.95 -26.64
N GLY A 595 19.92 -3.44 -26.23
CA GLY A 595 20.06 -2.62 -25.05
C GLY A 595 19.64 -3.24 -23.73
N LEU A 596 18.92 -2.40 -22.95
CA LEU A 596 18.46 -2.69 -21.59
C LEU A 596 17.07 -3.32 -21.57
N LEU A 597 16.56 -3.83 -22.76
CA LEU A 597 15.29 -4.57 -22.90
C LEU A 597 15.56 -5.96 -22.25
N GLU A 598 14.84 -6.31 -21.17
CA GLU A 598 15.17 -7.55 -20.46
C GLU A 598 13.97 -8.40 -20.00
N LEU A 599 14.03 -9.68 -20.34
CA LEU A 599 13.06 -10.68 -19.94
C LEU A 599 13.54 -11.30 -18.63
N GLU A 600 12.59 -11.65 -17.75
CA GLU A 600 12.98 -12.19 -16.46
C GLU A 600 12.19 -13.46 -16.15
N TYR A 601 12.90 -14.51 -15.72
CA TYR A 601 12.29 -15.76 -15.29
C TYR A 601 11.87 -15.53 -13.88
N GLU A 602 10.57 -15.41 -13.63
CA GLU A 602 10.05 -15.11 -12.29
C GLU A 602 10.06 -16.36 -11.40
N GLY A 603 9.62 -17.51 -11.95
CA GLY A 603 9.54 -18.73 -11.18
C GLY A 603 8.86 -19.91 -11.82
N PHE A 604 8.66 -20.94 -11.02
CA PHE A 604 8.06 -22.20 -11.43
C PHE A 604 7.00 -22.64 -10.44
N TYR A 605 5.93 -23.24 -10.97
CA TYR A 605 4.77 -23.70 -10.21
C TYR A 605 4.40 -25.12 -10.60
N ALA A 606 4.09 -25.95 -9.61
CA ALA A 606 3.74 -27.34 -9.80
C ALA A 606 2.41 -27.47 -10.53
N ARG A 607 1.46 -26.57 -10.19
CA ARG A 607 0.13 -26.52 -10.80
C ARG A 607 -0.40 -25.10 -10.84
N GLY A 608 -1.45 -24.90 -11.63
CA GLY A 608 -2.08 -23.60 -11.77
C GLY A 608 -3.24 -23.61 -12.73
N PHE A 609 -4.13 -22.65 -12.56
CA PHE A 609 -5.31 -22.44 -13.41
C PHE A 609 -5.50 -20.94 -13.54
N PHE A 610 -6.14 -20.49 -14.65
CA PHE A 610 -6.34 -19.07 -14.94
C PHE A 610 -7.80 -18.80 -15.32
N VAL A 611 -8.43 -17.81 -14.65
CA VAL A 611 -9.85 -17.47 -14.88
C VAL A 611 -9.96 -16.35 -15.95
N THR A 612 -9.37 -15.19 -15.71
CA THR A 612 -9.31 -14.05 -16.63
C THR A 612 -8.08 -13.24 -16.25
N LYS A 613 -7.96 -12.01 -16.77
CA LYS A 613 -6.89 -11.11 -16.49
C LYS A 613 -6.81 -10.88 -15.00
N LYS A 614 -5.61 -11.13 -14.41
CA LYS A 614 -5.23 -10.94 -13.00
C LYS A 614 -6.15 -11.69 -12.01
N LYS A 615 -6.74 -12.82 -12.48
CA LYS A 615 -7.59 -13.76 -11.73
C LYS A 615 -7.09 -15.17 -12.06
N TYR A 616 -6.20 -15.67 -11.19
CA TYR A 616 -5.57 -16.98 -11.37
C TYR A 616 -5.08 -17.51 -10.03
N ALA A 617 -4.73 -18.79 -10.01
CA ALA A 617 -4.24 -19.44 -8.80
C ALA A 617 -3.21 -20.46 -9.18
N LEU A 618 -2.12 -20.49 -8.42
CA LEU A 618 -0.99 -21.39 -8.64
C LEU A 618 -0.55 -22.04 -7.33
N ILE A 619 0.25 -23.09 -7.45
CA ILE A 619 0.83 -23.75 -6.28
C ILE A 619 2.30 -24.00 -6.62
N ASP A 620 3.23 -23.65 -5.71
CA ASP A 620 4.64 -23.88 -6.01
C ASP A 620 5.04 -25.34 -5.61
N GLU A 621 6.30 -25.72 -5.86
CA GLU A 621 6.80 -27.07 -5.55
C GLU A 621 6.88 -27.37 -4.06
N GLU A 622 6.82 -26.33 -3.20
CA GLU A 622 6.89 -26.44 -1.74
C GLU A 622 5.50 -26.51 -1.09
N GLY A 623 4.47 -26.42 -1.92
CA GLY A 623 3.09 -26.49 -1.47
C GLY A 623 2.41 -25.16 -1.15
N LYS A 624 3.07 -24.01 -1.44
CA LYS A 624 2.49 -22.70 -1.17
C LYS A 624 1.58 -22.26 -2.29
N ILE A 625 0.35 -21.90 -1.93
CA ILE A 625 -0.66 -21.46 -2.88
C ILE A 625 -0.50 -19.94 -3.07
N VAL A 626 -0.39 -19.50 -4.33
CA VAL A 626 -0.30 -18.10 -4.72
C VAL A 626 -1.50 -17.79 -5.64
N THR A 627 -2.36 -16.85 -5.25
CA THR A 627 -3.54 -16.48 -6.05
C THR A 627 -3.50 -14.99 -6.32
N ARG A 628 -4.25 -14.56 -7.34
CA ARG A 628 -4.47 -13.15 -7.65
C ARG A 628 -5.95 -12.98 -7.99
N GLY A 629 -6.59 -12.02 -7.33
CA GLY A 629 -7.98 -11.63 -7.54
C GLY A 629 -9.05 -12.67 -7.38
N LEU A 630 -8.87 -13.63 -6.45
CA LEU A 630 -9.85 -14.71 -6.25
C LEU A 630 -10.27 -14.93 -4.78
N GLU A 631 -9.29 -14.92 -3.85
CA GLU A 631 -9.55 -15.23 -2.44
C GLU A 631 -10.35 -14.16 -1.67
N ILE A 632 -11.21 -14.63 -0.74
CA ILE A 632 -12.14 -13.80 0.07
C ILE A 632 -11.83 -13.88 1.59
N VAL A 633 -10.54 -13.90 1.96
CA VAL A 633 -10.15 -14.00 3.36
C VAL A 633 -10.34 -12.60 4.05
N ARG A 634 -11.61 -12.31 4.43
CA ARG A 634 -12.00 -11.06 5.10
C ARG A 634 -13.16 -11.29 6.09
N ARG A 635 -13.25 -10.46 7.17
CA ARG A 635 -14.26 -10.69 8.23
C ARG A 635 -15.73 -10.46 7.82
N ASP A 636 -15.94 -9.71 6.69
CA ASP A 636 -17.28 -9.43 6.18
C ASP A 636 -17.82 -10.61 5.25
N TRP A 637 -17.08 -11.73 5.17
CA TRP A 637 -17.51 -12.96 4.50
C TRP A 637 -17.63 -14.03 5.59
N SER A 638 -18.69 -14.86 5.56
CA SER A 638 -18.91 -15.89 6.60
C SER A 638 -17.87 -16.98 6.51
N GLU A 639 -17.60 -17.67 7.63
CA GLU A 639 -16.64 -18.77 7.68
C GLU A 639 -16.99 -19.87 6.65
N ILE A 640 -18.29 -20.23 6.52
CA ILE A 640 -18.77 -21.24 5.58
C ILE A 640 -18.31 -20.95 4.14
N ALA A 641 -18.36 -19.68 3.69
CA ALA A 641 -17.92 -19.27 2.36
C ALA A 641 -16.37 -19.32 2.20
N LYS A 642 -15.66 -18.91 3.26
CA LYS A 642 -14.21 -18.89 3.28
C LYS A 642 -13.65 -20.31 3.37
N GLU A 643 -14.24 -21.15 4.25
CA GLU A 643 -13.89 -22.55 4.43
C GLU A 643 -14.11 -23.29 3.11
N THR A 644 -15.29 -23.12 2.47
CA THR A 644 -15.60 -23.79 1.21
C THR A 644 -14.60 -23.38 0.15
N GLN A 645 -14.29 -22.06 0.06
CA GLN A 645 -13.35 -21.57 -0.95
C GLN A 645 -11.96 -22.19 -0.76
N ALA A 646 -11.41 -22.19 0.47
CA ALA A 646 -10.10 -22.79 0.76
C ALA A 646 -10.04 -24.29 0.38
N LYS A 647 -11.13 -25.02 0.70
CA LYS A 647 -11.31 -26.44 0.39
C LYS A 647 -11.33 -26.68 -1.14
N VAL A 648 -12.05 -25.81 -1.90
CA VAL A 648 -12.13 -25.89 -3.38
C VAL A 648 -10.71 -25.67 -3.99
N LEU A 649 -9.97 -24.65 -3.49
CA LEU A 649 -8.64 -24.35 -3.98
C LEU A 649 -7.67 -25.49 -3.65
N GLU A 650 -7.82 -26.11 -2.47
CA GLU A 650 -6.94 -27.21 -2.07
C GLU A 650 -7.22 -28.44 -2.91
N ALA A 651 -8.50 -28.75 -3.17
CA ALA A 651 -8.89 -29.89 -4.01
C ALA A 651 -8.28 -29.73 -5.38
N ILE A 652 -8.30 -28.50 -5.91
CA ILE A 652 -7.76 -28.25 -7.25
C ILE A 652 -6.22 -28.24 -7.26
N LEU A 653 -5.61 -27.41 -6.41
CA LEU A 653 -4.17 -27.22 -6.45
C LEU A 653 -3.35 -28.30 -5.74
N LYS A 654 -3.79 -28.79 -4.56
CA LYS A 654 -3.02 -29.80 -3.81
C LYS A 654 -3.35 -31.22 -4.28
N HIS A 655 -4.62 -31.47 -4.64
CA HIS A 655 -5.12 -32.78 -5.05
C HIS A 655 -5.26 -32.92 -6.58
N GLY A 656 -5.21 -31.82 -7.32
CA GLY A 656 -5.34 -31.82 -8.77
C GLY A 656 -6.67 -32.37 -9.22
N ASN A 657 -7.68 -32.19 -8.37
CA ASN A 657 -9.00 -32.78 -8.50
C ASN A 657 -10.15 -31.75 -8.51
N VAL A 658 -10.60 -31.36 -9.72
CA VAL A 658 -11.69 -30.38 -9.88
C VAL A 658 -13.06 -31.07 -9.58
N ASP A 659 -13.16 -32.39 -9.82
CA ASP A 659 -14.36 -33.14 -9.52
C ASP A 659 -14.57 -33.16 -8.01
N GLU A 660 -13.48 -33.29 -7.20
CA GLU A 660 -13.55 -33.21 -5.72
C GLU A 660 -14.10 -31.86 -5.27
N ALA A 661 -13.59 -30.78 -5.88
CA ALA A 661 -13.97 -29.41 -5.57
C ALA A 661 -15.48 -29.19 -5.85
N VAL A 662 -15.99 -29.68 -7.00
CA VAL A 662 -17.41 -29.54 -7.37
C VAL A 662 -18.28 -30.26 -6.33
N LYS A 663 -17.84 -31.47 -5.91
CA LYS A 663 -18.57 -32.27 -4.92
C LYS A 663 -18.56 -31.56 -3.56
N ILE A 664 -17.48 -30.83 -3.22
CA ILE A 664 -17.36 -30.04 -1.98
C ILE A 664 -18.48 -28.99 -1.94
N VAL A 665 -18.68 -28.25 -3.05
CA VAL A 665 -19.69 -27.22 -3.14
C VAL A 665 -21.12 -27.80 -3.02
N LYS A 666 -21.41 -28.89 -3.74
CA LYS A 666 -22.70 -29.59 -3.75
C LYS A 666 -23.06 -30.07 -2.36
N GLU A 667 -22.06 -30.58 -1.58
CA GLU A 667 -22.23 -31.08 -0.21
C GLU A 667 -22.51 -29.92 0.76
N VAL A 668 -21.73 -28.84 0.68
CA VAL A 668 -21.90 -27.67 1.54
C VAL A 668 -23.31 -27.02 1.34
N THR A 669 -23.75 -26.84 0.07
CA THR A 669 -25.05 -26.21 -0.25
C THR A 669 -26.21 -27.08 0.28
N GLU A 670 -26.09 -28.42 0.16
CA GLU A 670 -27.11 -29.35 0.64
C GLU A 670 -27.23 -29.26 2.14
N LYS A 671 -26.07 -29.20 2.81
CA LYS A 671 -25.98 -29.08 4.27
C LYS A 671 -26.62 -27.77 4.73
N LEU A 672 -26.44 -26.66 3.96
CA LEU A 672 -27.06 -25.38 4.30
C LEU A 672 -28.59 -25.49 4.17
N SER A 673 -29.08 -26.15 3.09
CA SER A 673 -30.50 -26.41 2.81
C SER A 673 -31.21 -27.19 3.93
N LYS A 674 -30.48 -28.16 4.52
CA LYS A 674 -30.96 -29.09 5.55
C LYS A 674 -30.67 -28.62 7.01
N TYR A 675 -30.11 -27.38 7.16
CA TYR A 675 -29.80 -26.73 8.44
C TYR A 675 -28.82 -27.57 9.25
N GLU A 676 -27.78 -28.05 8.56
CA GLU A 676 -26.73 -28.92 9.12
C GLU A 676 -25.42 -28.14 9.33
N ILE A 677 -25.41 -26.83 9.01
CA ILE A 677 -24.23 -25.98 9.18
C ILE A 677 -24.35 -25.23 10.50
N PRO A 678 -23.33 -25.30 11.41
CA PRO A 678 -23.40 -24.58 12.69
C PRO A 678 -23.56 -23.08 12.53
N PRO A 679 -24.46 -22.42 13.30
CA PRO A 679 -24.65 -20.96 13.17
C PRO A 679 -23.38 -20.11 13.31
N GLU A 680 -22.36 -20.56 14.07
CA GLU A 680 -21.09 -19.85 14.24
C GLU A 680 -20.34 -19.65 12.91
N LYS A 681 -20.56 -20.56 11.93
CA LYS A 681 -19.92 -20.47 10.63
C LYS A 681 -20.70 -19.55 9.66
N LEU A 682 -21.81 -18.94 10.14
CA LEU A 682 -22.69 -18.05 9.34
C LEU A 682 -22.64 -16.58 9.72
N VAL A 683 -21.85 -16.25 10.72
CA VAL A 683 -21.71 -14.89 11.20
C VAL A 683 -20.92 -14.00 10.22
N ILE A 684 -21.45 -12.79 10.00
CA ILE A 684 -20.82 -11.75 9.19
C ILE A 684 -20.45 -10.66 10.14
N TYR A 685 -19.22 -10.12 9.98
CA TYR A 685 -18.70 -9.03 10.80
C TYR A 685 -18.46 -7.80 9.97
N GLU A 686 -19.03 -6.68 10.40
CA GLU A 686 -18.86 -5.41 9.74
C GLU A 686 -18.77 -4.31 10.77
N GLN A 687 -17.76 -3.46 10.64
CA GLN A 687 -17.50 -2.35 11.54
C GLN A 687 -18.48 -1.20 11.33
N ILE A 688 -18.88 -0.53 12.45
CA ILE A 688 -19.61 0.74 12.53
C ILE A 688 -18.51 1.81 12.41
N THR A 689 -18.62 2.72 11.44
CA THR A 689 -17.58 3.70 11.17
C THR A 689 -17.99 5.12 11.53
N ARG A 690 -19.25 5.35 11.90
CA ARG A 690 -19.75 6.71 12.20
C ARG A 690 -20.92 6.70 13.16
N PRO A 691 -21.38 7.84 13.73
CA PRO A 691 -22.61 7.79 14.56
C PRO A 691 -23.76 7.27 13.70
N LEU A 692 -24.63 6.45 14.27
CA LEU A 692 -25.67 5.75 13.53
C LEU A 692 -26.59 6.67 12.69
N SER A 693 -26.82 7.89 13.16
CA SER A 693 -27.67 8.86 12.47
C SER A 693 -27.02 9.38 11.17
N GLU A 694 -25.69 9.22 11.04
CA GLU A 694 -24.93 9.72 9.89
C GLU A 694 -25.05 8.79 8.65
N TYR A 695 -25.65 7.60 8.80
CA TYR A 695 -25.75 6.66 7.67
C TYR A 695 -26.82 7.09 6.65
N LYS A 696 -26.50 6.93 5.35
CA LYS A 696 -27.35 7.24 4.21
C LYS A 696 -28.04 5.96 3.72
N ALA A 697 -27.30 4.84 3.75
CA ALA A 697 -27.76 3.50 3.39
C ALA A 697 -27.67 2.61 4.60
N ILE A 698 -28.80 2.04 5.03
CA ILE A 698 -28.88 1.20 6.22
C ILE A 698 -28.70 -0.26 5.84
N GLY A 699 -27.44 -0.67 5.81
CA GLY A 699 -27.04 -2.05 5.56
C GLY A 699 -27.39 -2.95 6.74
N PRO A 700 -27.37 -4.28 6.56
CA PRO A 700 -27.74 -5.19 7.67
C PRO A 700 -27.06 -4.92 9.02
N HIS A 701 -25.73 -4.63 9.03
CA HIS A 701 -24.97 -4.39 10.26
C HIS A 701 -25.47 -3.15 11.00
N VAL A 702 -25.94 -2.12 10.28
CA VAL A 702 -26.46 -0.84 10.79
C VAL A 702 -27.91 -1.02 11.34
N ALA A 703 -28.73 -1.82 10.63
CA ALA A 703 -30.09 -2.14 11.06
C ALA A 703 -30.01 -2.84 12.44
N VAL A 704 -29.06 -3.81 12.58
CA VAL A 704 -28.76 -4.57 13.80
C VAL A 704 -28.22 -3.62 14.91
N ALA A 705 -27.29 -2.71 14.52
CA ALA A 705 -26.67 -1.72 15.40
C ALA A 705 -27.69 -0.75 15.99
N LYS A 706 -28.69 -0.30 15.16
CA LYS A 706 -29.72 0.62 15.64
C LYS A 706 -30.56 -0.06 16.73
N ARG A 707 -30.89 -1.35 16.54
CA ARG A 707 -31.68 -2.15 17.48
C ARG A 707 -30.92 -2.30 18.79
N LEU A 708 -29.57 -2.48 18.73
CA LEU A 708 -28.70 -2.61 19.93
C LEU A 708 -28.68 -1.27 20.70
N ALA A 709 -28.53 -0.15 19.97
CA ALA A 709 -28.51 1.17 20.57
C ALA A 709 -29.83 1.44 21.31
N ALA A 710 -30.97 1.05 20.66
CA ALA A 710 -32.34 1.19 21.18
C ALA A 710 -32.48 0.41 22.50
N LYS A 711 -31.71 -0.69 22.67
CA LYS A 711 -31.66 -1.57 23.85
C LYS A 711 -30.77 -1.00 24.98
N GLY A 712 -30.03 0.08 24.68
CA GLY A 712 -29.13 0.76 25.62
C GLY A 712 -27.65 0.54 25.38
N VAL A 713 -27.32 -0.20 24.29
CA VAL A 713 -25.92 -0.49 23.94
C VAL A 713 -25.26 0.82 23.46
N LYS A 714 -24.07 1.15 23.99
CA LYS A 714 -23.33 2.34 23.58
C LYS A 714 -22.64 2.04 22.23
N VAL A 715 -23.37 2.32 21.12
CA VAL A 715 -22.80 2.07 19.78
C VAL A 715 -21.91 3.27 19.37
N LYS A 716 -20.65 2.97 19.10
CA LYS A 716 -19.61 3.95 18.78
C LYS A 716 -18.82 3.51 17.54
N PRO A 717 -18.18 4.45 16.79
CA PRO A 717 -17.37 4.02 15.65
C PRO A 717 -16.22 3.11 16.12
N GLY A 718 -15.96 2.07 15.36
CA GLY A 718 -14.95 1.10 15.73
C GLY A 718 -15.57 -0.22 16.12
N MET A 719 -16.82 -0.19 16.62
CA MET A 719 -17.54 -1.39 16.97
C MET A 719 -17.70 -2.28 15.74
N VAL A 720 -17.55 -3.58 15.95
CA VAL A 720 -17.67 -4.57 14.89
C VAL A 720 -18.94 -5.37 15.19
N ILE A 721 -19.91 -5.32 14.25
CA ILE A 721 -21.21 -5.98 14.41
C ILE A 721 -21.26 -7.38 13.77
N GLY A 722 -21.53 -8.38 14.61
CA GLY A 722 -21.72 -9.76 14.21
C GLY A 722 -23.19 -10.02 13.99
N TYR A 723 -23.55 -10.50 12.78
CA TYR A 723 -24.95 -10.80 12.51
C TYR A 723 -25.12 -12.06 11.67
N ILE A 724 -26.33 -12.62 11.71
CA ILE A 724 -26.78 -13.79 10.97
C ILE A 724 -28.05 -13.37 10.25
N VAL A 725 -28.13 -13.73 8.95
CA VAL A 725 -29.25 -13.42 8.07
C VAL A 725 -30.29 -14.53 8.22
N LEU A 726 -31.50 -14.15 8.64
CA LEU A 726 -32.58 -15.09 8.86
C LEU A 726 -33.49 -15.23 7.61
N ARG A 727 -34.26 -16.33 7.58
CA ARG A 727 -35.21 -16.67 6.52
C ARG A 727 -36.34 -15.67 6.56
N GLY A 728 -36.86 -15.30 5.39
CA GLY A 728 -37.97 -14.36 5.31
C GLY A 728 -38.10 -13.55 4.04
N ASP A 729 -39.09 -12.64 4.08
CA ASP A 729 -39.43 -11.72 3.00
C ASP A 729 -38.72 -10.39 3.22
N GLY A 730 -38.33 -9.78 2.09
CA GLY A 730 -37.68 -8.49 2.05
C GLY A 730 -36.19 -8.48 1.84
N PRO A 731 -35.56 -7.27 1.97
CA PRO A 731 -34.10 -7.19 1.83
C PRO A 731 -33.45 -7.77 3.08
N ILE A 732 -32.18 -8.09 2.98
CA ILE A 732 -31.44 -8.76 4.06
C ILE A 732 -31.41 -7.95 5.37
N SER A 733 -31.39 -6.60 5.28
CA SER A 733 -31.32 -5.68 6.42
C SER A 733 -32.46 -5.90 7.41
N LYS A 734 -33.65 -6.22 6.89
CA LYS A 734 -34.84 -6.47 7.69
C LYS A 734 -34.82 -7.87 8.32
N ARG A 735 -33.94 -8.74 7.83
CA ARG A 735 -33.88 -10.14 8.26
C ARG A 735 -32.59 -10.48 9.00
N ALA A 736 -31.78 -9.47 9.32
CA ALA A 736 -30.54 -9.71 10.02
C ALA A 736 -30.76 -9.64 11.52
N ILE A 737 -30.12 -10.56 12.26
CA ILE A 737 -30.18 -10.62 13.72
C ILE A 737 -28.76 -10.56 14.33
N ALA A 738 -28.61 -9.85 15.47
CA ALA A 738 -27.37 -9.79 16.24
C ALA A 738 -27.02 -11.19 16.69
N ILE A 739 -25.76 -11.62 16.60
CA ILE A 739 -25.36 -12.99 16.98
C ILE A 739 -25.74 -13.37 18.40
N GLU A 740 -25.56 -12.43 19.37
CA GLU A 740 -25.87 -12.64 20.78
C GLU A 740 -27.38 -12.95 20.98
N GLU A 741 -28.25 -12.47 20.06
CA GLU A 741 -29.70 -12.69 20.09
C GLU A 741 -30.12 -13.99 19.37
N PHE A 742 -29.24 -14.56 18.53
CA PHE A 742 -29.57 -15.78 17.81
C PHE A 742 -29.76 -16.97 18.77
N ASP A 743 -30.92 -17.62 18.65
CA ASP A 743 -31.38 -18.79 19.41
C ASP A 743 -31.67 -19.89 18.39
N PRO A 744 -30.90 -21.00 18.41
CA PRO A 744 -31.09 -22.04 17.37
C PRO A 744 -32.48 -22.67 17.37
N LYS A 745 -33.16 -22.70 18.53
CA LYS A 745 -34.51 -23.25 18.64
C LYS A 745 -35.53 -22.33 17.93
N LYS A 746 -35.55 -21.03 18.28
CA LYS A 746 -36.48 -20.04 17.74
C LYS A 746 -36.16 -19.57 16.30
N HIS A 747 -34.87 -19.28 15.99
CA HIS A 747 -34.52 -18.69 14.69
C HIS A 747 -34.08 -19.70 13.65
N LYS A 748 -34.35 -19.38 12.38
CA LYS A 748 -33.97 -20.19 11.24
C LYS A 748 -33.19 -19.33 10.23
N TYR A 749 -31.90 -19.65 9.99
CA TYR A 749 -31.09 -18.87 9.06
C TYR A 749 -31.59 -19.00 7.61
N ASP A 750 -31.18 -18.06 6.73
CA ASP A 750 -31.60 -18.08 5.33
C ASP A 750 -30.61 -18.90 4.54
N ALA A 751 -30.96 -20.18 4.26
CA ALA A 751 -30.14 -21.12 3.50
C ALA A 751 -29.91 -20.62 2.07
N GLU A 752 -30.95 -20.03 1.44
CA GLU A 752 -30.85 -19.47 0.09
C GLU A 752 -29.85 -18.30 0.04
N TYR A 753 -29.84 -17.43 1.09
CA TYR A 753 -28.84 -16.34 1.16
C TYR A 753 -27.40 -16.92 1.28
N TYR A 754 -27.20 -17.92 2.16
CA TYR A 754 -25.86 -18.48 2.38
C TYR A 754 -25.37 -19.29 1.17
N ILE A 755 -26.29 -19.91 0.41
CA ILE A 755 -25.95 -20.63 -0.81
C ILE A 755 -25.63 -19.61 -1.96
N GLU A 756 -26.57 -18.70 -2.28
CA GLU A 756 -26.47 -17.82 -3.43
C GLU A 756 -25.65 -16.54 -3.26
N ASN A 757 -25.58 -16.00 -2.04
CA ASN A 757 -24.87 -14.74 -1.82
C ASN A 757 -23.57 -14.94 -1.09
N GLN A 758 -23.35 -16.12 -0.49
CA GLN A 758 -22.09 -16.36 0.21
C GLN A 758 -21.23 -17.45 -0.47
N VAL A 759 -21.68 -18.71 -0.39
CA VAL A 759 -20.93 -19.87 -0.87
C VAL A 759 -20.70 -19.90 -2.39
N LEU A 760 -21.75 -19.77 -3.22
CA LEU A 760 -21.57 -19.87 -4.66
C LEU A 760 -20.74 -18.72 -5.22
N PRO A 761 -20.91 -17.42 -4.82
CA PRO A 761 -20.03 -16.37 -5.36
C PRO A 761 -18.55 -16.64 -5.03
N ALA A 762 -18.26 -17.13 -3.82
CA ALA A 762 -16.89 -17.45 -3.39
C ALA A 762 -16.19 -18.50 -4.34
N VAL A 763 -16.95 -19.47 -4.91
CA VAL A 763 -16.38 -20.53 -5.73
C VAL A 763 -16.74 -20.48 -7.23
N GLU A 764 -17.78 -19.72 -7.65
CA GLU A 764 -18.22 -19.71 -9.05
C GLU A 764 -17.16 -19.17 -10.01
N ARG A 765 -16.34 -18.14 -9.60
CA ARG A 765 -15.27 -17.57 -10.45
C ARG A 765 -14.21 -18.65 -10.74
N ILE A 766 -13.74 -19.34 -9.66
CA ILE A 766 -12.74 -20.43 -9.72
C ILE A 766 -13.23 -21.52 -10.65
N LEU A 767 -14.46 -22.01 -10.44
CA LEU A 767 -14.98 -23.16 -11.18
C LEU A 767 -15.27 -22.90 -12.64
N ARG A 768 -15.58 -21.62 -12.99
CA ARG A 768 -15.80 -21.14 -14.36
C ARG A 768 -14.59 -21.50 -15.27
N ALA A 769 -13.36 -21.58 -14.68
CA ALA A 769 -12.11 -21.91 -15.38
C ALA A 769 -12.10 -23.38 -15.84
N PHE A 770 -13.12 -24.15 -15.43
CA PHE A 770 -13.22 -25.59 -15.70
C PHE A 770 -14.54 -25.98 -16.41
N GLY A 771 -15.34 -24.97 -16.80
CA GLY A 771 -16.57 -25.19 -17.54
C GLY A 771 -17.85 -25.36 -16.76
N TYR A 772 -17.84 -24.95 -15.46
CA TYR A 772 -19.03 -25.04 -14.65
C TYR A 772 -19.71 -23.70 -14.54
N ARG A 773 -21.07 -23.72 -14.52
CA ARG A 773 -21.93 -22.56 -14.30
C ARG A 773 -22.46 -22.66 -12.86
N LYS A 774 -22.90 -21.51 -12.24
CA LYS A 774 -23.44 -21.50 -10.87
C LYS A 774 -24.41 -22.68 -10.65
N GLU A 775 -25.31 -22.93 -11.65
CA GLU A 775 -26.33 -23.98 -11.64
C GLU A 775 -25.76 -25.42 -11.55
N ASP A 776 -24.52 -25.67 -12.02
CA ASP A 776 -23.88 -27.00 -12.00
C ASP A 776 -23.35 -27.38 -10.62
N LEU A 777 -23.29 -26.41 -9.68
CA LEU A 777 -22.69 -26.60 -8.36
C LEU A 777 -23.68 -27.00 -7.20
N LYS A 778 -24.91 -27.48 -7.54
CA LYS A 778 -25.93 -27.97 -6.58
C LYS A 778 -26.49 -29.34 -7.07
N TYR A 779 -27.30 -30.04 -6.25
CA TYR A 779 -27.85 -31.33 -6.70
C TYR A 779 -29.18 -31.16 -7.46
#